data_1ZJG
# 
_entry.id   1ZJG 
# 
_audit_conform.dict_name       mmcif_pdbx.dic 
_audit_conform.dict_version    5.381 
_audit_conform.dict_location   http://mmcif.pdb.org/dictionaries/ascii/mmcif_pdbx.dic 
# 
loop_
_database_2.database_id 
_database_2.database_code 
_database_2.pdbx_database_accession 
_database_2.pdbx_DOI 
PDB   1ZJG         pdb_00001zjg 10.2210/pdb1zjg/pdb 
NDB   AD0055       ?            ?                   
RCSB  RCSB032784   ?            ?                   
WWPDB D_1000032784 ?            ?                   
# 
loop_
_pdbx_database_related.db_name 
_pdbx_database_related.db_id 
_pdbx_database_related.details 
_pdbx_database_related.content_type 
PDB 1ZJE 12mer-spd     unspecified 
PDB 1ZJF 12mer-spd-P4N unspecified 
# 
_pdbx_database_status.status_code                     REL 
_pdbx_database_status.entry_id                        1ZJG 
_pdbx_database_status.recvd_initial_deposition_date   2005-04-28 
_pdbx_database_status.deposit_site                    RCSB 
_pdbx_database_status.process_site                    RCSB 
_pdbx_database_status.status_code_sf                  ? 
_pdbx_database_status.status_code_mr                  ? 
_pdbx_database_status.SG_entry                        ? 
_pdbx_database_status.status_code_cs                  ? 
_pdbx_database_status.methods_development_category    ? 
_pdbx_database_status.pdb_format_compatible           Y 
_pdbx_database_status.status_code_nmr_data            ? 
# 
loop_
_audit_author.name 
_audit_author.pdbx_ordinal 
'Dohm, J.A.'         1 
'Hsu, M.H.'          2 
'Hwu, J.R.'          3 
'Huang, R.C.'        4 
'Moudrianakis, E.N.' 5 
'Lattman, E.E.'      6 
'Gittis, A.G.'       7 
# 
_citation.id                        primary 
_citation.title                     
'Influence of Ions, Hydration, and the Transcriptional Inhibitor P4N on the Conformations of the Sp1 Binding Site.' 
_citation.journal_abbrev            J.Mol.Biol. 
_citation.journal_volume            349 
_citation.page_first                731 
_citation.page_last                 744 
_citation.year                      2005 
_citation.journal_id_ASTM           JMOBAK 
_citation.country                   UK 
_citation.journal_id_ISSN           0022-2836 
_citation.journal_id_CSD            0070 
_citation.book_publisher            ? 
_citation.pdbx_database_id_PubMed   15896803 
_citation.pdbx_database_id_DOI      10.1016/j.jmb.2005.04.001 
# 
loop_
_citation_author.citation_id 
_citation_author.name 
_citation_author.ordinal 
_citation_author.identifier_ORCID 
primary 'Dohm, J.A.'         1 ? 
primary 'Hsu, M.H.'          2 ? 
primary 'Hwu, J.R.'          3 ? 
primary 'Huang, R.C.'        4 ? 
primary 'Moudrianakis, E.N.' 5 ? 
primary 'Lattman, E.E.'      6 ? 
primary 'Gittis, A.G.'       7 ? 
# 
_cell.entry_id           1ZJG 
_cell.length_a           38.873 
_cell.length_b           43.291 
_cell.length_c           47.255 
_cell.angle_alpha        90.00 
_cell.angle_beta         90.00 
_cell.angle_gamma        90.00 
_cell.Z_PDB              4 
_cell.pdbx_unique_axis   ? 
_cell.length_a_esd       ? 
_cell.length_b_esd       ? 
_cell.length_c_esd       ? 
_cell.angle_alpha_esd    ? 
_cell.angle_beta_esd     ? 
_cell.angle_gamma_esd    ? 
# 
_symmetry.entry_id                         1ZJG 
_symmetry.space_group_name_H-M             'P 21 21 21' 
_symmetry.pdbx_full_space_group_name_H-M   ? 
_symmetry.cell_setting                     ? 
_symmetry.Int_Tables_number                19 
_symmetry.space_group_name_Hall            ? 
# 
loop_
_entity.id 
_entity.type 
_entity.src_method 
_entity.pdbx_description 
_entity.formula_weight 
_entity.pdbx_number_of_molecules 
_entity.pdbx_ec 
_entity.pdbx_mutation 
_entity.pdbx_fragment 
_entity.details 
1 polymer     syn "5'-D(*AP*TP*GP*GP*GP*GP*CP*GP*GP*GP*GP*CP*T)-3'" 4088.644 1 ? ? ? ? 
2 polymer     syn "5'-D(*TP*AP*GP*CP*CP*CP*CP*GP*CP*CP*CP*CP*A)-3'" 3857.515 1 ? ? ? ? 
3 non-polymer syn 'COBALT HEXAMMINE(III)'                           161.116  1 ? ? ? ? 
4 non-polymer syn 'TETRAETHYLENE GLYCOL'                            194.226  3 ? ? ? ? 
# 
loop_
_entity_poly.entity_id 
_entity_poly.type 
_entity_poly.nstd_linkage 
_entity_poly.nstd_monomer 
_entity_poly.pdbx_seq_one_letter_code 
_entity_poly.pdbx_seq_one_letter_code_can 
_entity_poly.pdbx_strand_id 
_entity_poly.pdbx_target_identifier 
1 polydeoxyribonucleotide no no '(DA)(DT)(DG)(DG)(DG)(DG)(DC)(DG)(DG)(DG)(DG)(DC)(DT)' ATGGGGCGGGGCT A ? 
2 polydeoxyribonucleotide no no '(DT)(DA)(DG)(DC)(DC)(DC)(DC)(DG)(DC)(DC)(DC)(DC)(DA)' TAGCCCCGCCCCA B ? 
# 
loop_
_entity_poly_seq.entity_id 
_entity_poly_seq.num 
_entity_poly_seq.mon_id 
_entity_poly_seq.hetero 
1 1  DA n 
1 2  DT n 
1 3  DG n 
1 4  DG n 
1 5  DG n 
1 6  DG n 
1 7  DC n 
1 8  DG n 
1 9  DG n 
1 10 DG n 
1 11 DG n 
1 12 DC n 
1 13 DT n 
2 1  DT n 
2 2  DA n 
2 3  DG n 
2 4  DC n 
2 5  DC n 
2 6  DC n 
2 7  DC n 
2 8  DG n 
2 9  DC n 
2 10 DC n 
2 11 DC n 
2 12 DC n 
2 13 DA n 
# 
loop_
_pdbx_entity_src_syn.entity_id 
_pdbx_entity_src_syn.pdbx_src_id 
_pdbx_entity_src_syn.pdbx_alt_source_flag 
_pdbx_entity_src_syn.pdbx_beg_seq_num 
_pdbx_entity_src_syn.pdbx_end_seq_num 
_pdbx_entity_src_syn.organism_scientific 
_pdbx_entity_src_syn.organism_common_name 
_pdbx_entity_src_syn.ncbi_taxonomy_id 
_pdbx_entity_src_syn.details 
1 1 sample ? ? ? ? ? 'ordered from Biosource' 
2 1 sample ? ? ? ? ? 'ordered from biosource' 
# 
loop_
_struct_ref.id 
_struct_ref.entity_id 
_struct_ref.db_name 
_struct_ref.db_code 
_struct_ref.pdbx_db_accession 
_struct_ref.pdbx_align_begin 
_struct_ref.pdbx_seq_one_letter_code 
_struct_ref.pdbx_db_isoform 
1 1 PDB 1ZJG 1ZJG ? ? ? 
2 2 PDB 1ZJG 1ZJG ? ? ? 
# 
loop_
_struct_ref_seq.align_id 
_struct_ref_seq.ref_id 
_struct_ref_seq.pdbx_PDB_id_code 
_struct_ref_seq.pdbx_strand_id 
_struct_ref_seq.seq_align_beg 
_struct_ref_seq.pdbx_seq_align_beg_ins_code 
_struct_ref_seq.seq_align_end 
_struct_ref_seq.pdbx_seq_align_end_ins_code 
_struct_ref_seq.pdbx_db_accession 
_struct_ref_seq.db_align_beg 
_struct_ref_seq.pdbx_db_align_beg_ins_code 
_struct_ref_seq.db_align_end 
_struct_ref_seq.pdbx_db_align_end_ins_code 
_struct_ref_seq.pdbx_auth_seq_align_beg 
_struct_ref_seq.pdbx_auth_seq_align_end 
1 1 1ZJG A 1 ? 13 ? 1ZJG 1  ? 13 ? 1  13 
2 2 1ZJG B 1 ? 13 ? 1ZJG 14 ? 26 ? 14 26 
# 
loop_
_chem_comp.id 
_chem_comp.type 
_chem_comp.mon_nstd_flag 
_chem_comp.name 
_chem_comp.pdbx_synonyms 
_chem_comp.formula 
_chem_comp.formula_weight 
DA  'DNA linking' y "2'-DEOXYADENOSINE-5'-MONOPHOSPHATE" ? 'C10 H14 N5 O6 P' 331.222 
DC  'DNA linking' y "2'-DEOXYCYTIDINE-5'-MONOPHOSPHATE"  ? 'C9 H14 N3 O7 P'  307.197 
DG  'DNA linking' y "2'-DEOXYGUANOSINE-5'-MONOPHOSPHATE" ? 'C10 H14 N5 O7 P' 347.221 
DT  'DNA linking' y "THYMIDINE-5'-MONOPHOSPHATE"         ? 'C10 H15 N2 O8 P' 322.208 
NCO non-polymer   . 'COBALT HEXAMMINE(III)'              ? 'Co H18 N6 3'     161.116 
PG4 non-polymer   . 'TETRAETHYLENE GLYCOL'               ? 'C8 H18 O5'       194.226 
# 
_exptl.entry_id          1ZJG 
_exptl.method            'X-RAY DIFFRACTION' 
_exptl.crystals_number   1 
# 
_exptl_crystal.id                    1 
_exptl_crystal.density_meas          ? 
_exptl_crystal.density_Matthews      2.32 
_exptl_crystal.density_percent_sol   46.9 
_exptl_crystal.description           ? 
_exptl_crystal.F_000                 ? 
_exptl_crystal.preparation           ? 
# 
_exptl_crystal_grow.crystal_id      1 
_exptl_crystal_grow.method          'VAPOR DIFFUSION, HANGING DROP' 
_exptl_crystal_grow.temp            298 
_exptl_crystal_grow.temp_details    ? 
_exptl_crystal_grow.pH              7.3 
_exptl_crystal_grow.pdbx_details    
'PEG 400, cobalt hexammine, sodium chloride, bis tris propane, pH 7.3, VAPOR DIFFUSION, HANGING DROP, temperature 298K' 
_exptl_crystal_grow.pdbx_pH_range   . 
# 
_diffrn.id                     1 
_diffrn.ambient_temp           200 
_diffrn.ambient_temp_details   ? 
_diffrn.crystal_id             1 
# 
_diffrn_detector.diffrn_id              1 
_diffrn_detector.detector               CCD 
_diffrn_detector.type                   'ADSC QUANTUM 4' 
_diffrn_detector.pdbx_collection_date   ? 
_diffrn_detector.details                ? 
# 
_diffrn_radiation.diffrn_id                        1 
_diffrn_radiation.wavelength_id                    1 
_diffrn_radiation.pdbx_monochromatic_or_laue_m_l   M 
_diffrn_radiation.monochromator                    ? 
_diffrn_radiation.pdbx_diffrn_protocol             'SINGLE WAVELENGTH' 
_diffrn_radiation.pdbx_scattering_type             x-ray 
# 
_diffrn_radiation_wavelength.id           1 
_diffrn_radiation_wavelength.wavelength   1.0 
_diffrn_radiation_wavelength.wt           1.0 
# 
_diffrn_source.diffrn_id                   1 
_diffrn_source.source                      SYNCHROTRON 
_diffrn_source.type                        'APS BEAMLINE 19-ID' 
_diffrn_source.pdbx_synchrotron_site       APS 
_diffrn_source.pdbx_synchrotron_beamline   19-ID 
_diffrn_source.pdbx_wavelength             ? 
_diffrn_source.pdbx_wavelength_list        1.0 
# 
_reflns.entry_id                     1ZJG 
_reflns.observed_criterion_sigma_F   3.0 
_reflns.observed_criterion_sigma_I   3.0 
_reflns.d_resolution_high            3.00 
_reflns.d_resolution_low             20.00 
_reflns.number_all                   1769 
_reflns.number_obs                   1711 
_reflns.percent_possible_obs         99.3 
_reflns.pdbx_Rmerge_I_obs            ? 
_reflns.pdbx_Rsym_value              ? 
_reflns.pdbx_netI_over_sigmaI        ? 
_reflns.B_iso_Wilson_estimate        ? 
_reflns.pdbx_redundancy              ? 
_reflns.R_free_details               ? 
_reflns.pdbx_chi_squared             ? 
_reflns.pdbx_scaling_rejects         ? 
_reflns.pdbx_diffrn_id               1 
_reflns.pdbx_ordinal                 1 
# 
_reflns_shell.d_res_high             3.00 
_reflns_shell.d_res_low              3.11 
_reflns_shell.percent_possible_all   98.2 
_reflns_shell.Rmerge_I_obs           ? 
_reflns_shell.pdbx_Rsym_value        ? 
_reflns_shell.meanI_over_sigI_obs    ? 
_reflns_shell.pdbx_redundancy        ? 
_reflns_shell.percent_possible_obs   ? 
_reflns_shell.number_unique_all      ? 
_reflns_shell.number_measured_all    ? 
_reflns_shell.number_measured_obs    ? 
_reflns_shell.number_unique_obs      ? 
_reflns_shell.pdbx_chi_squared       ? 
_reflns_shell.pdbx_diffrn_id         ? 
_reflns_shell.pdbx_ordinal           1 
# 
_refine.entry_id                                 1ZJG 
_refine.ls_d_res_high                            3.00 
_refine.ls_d_res_low                             10.00 
_refine.pdbx_ls_sigma_F                          0 
_refine.pdbx_ls_sigma_I                          ? 
_refine.ls_number_reflns_all                     1711 
_refine.ls_number_reflns_obs                     1711 
_refine.ls_number_reflns_R_free                  130 
_refine.ls_percent_reflns_obs                    ? 
_refine.ls_R_factor_all                          ? 
_refine.ls_R_factor_obs                          0.229 
_refine.ls_R_factor_R_work                       0.223 
_refine.ls_R_factor_R_free                       0.26 
_refine.ls_redundancy_reflns_obs                 ? 
_refine.pdbx_data_cutoff_high_absF               ? 
_refine.pdbx_data_cutoff_low_absF                ? 
_refine.ls_number_parameters                     ? 
_refine.ls_number_restraints                     ? 
_refine.ls_percent_reflns_R_free                 ? 
_refine.ls_R_factor_R_free_error                 ? 
_refine.ls_R_factor_R_free_error_details         ? 
_refine.pdbx_method_to_determine_struct          'MOLECULAR REPLACEMENT' 
_refine.pdbx_starting_model                      ? 
_refine.pdbx_ls_cross_valid_method               ? 
_refine.pdbx_R_Free_selection_details            RANDOM 
_refine.pdbx_stereochem_target_val_spec_case     ? 
_refine.pdbx_stereochemistry_target_values       'CNS nucleic acid files' 
_refine.solvent_model_details                    ? 
_refine.solvent_model_param_bsol                 ? 
_refine.solvent_model_param_ksol                 ? 
_refine.occupancy_max                            ? 
_refine.occupancy_min                            ? 
_refine.pdbx_isotropic_thermal_model             ? 
_refine.B_iso_mean                               ? 
_refine.aniso_B[1][1]                            ? 
_refine.aniso_B[1][2]                            ? 
_refine.aniso_B[1][3]                            ? 
_refine.aniso_B[2][2]                            ? 
_refine.aniso_B[2][3]                            ? 
_refine.aniso_B[3][3]                            ? 
_refine.details                                  ? 
_refine.correlation_coeff_Fo_to_Fc               ? 
_refine.correlation_coeff_Fo_to_Fc_free          ? 
_refine.pdbx_solvent_vdw_probe_radii             ? 
_refine.pdbx_solvent_ion_probe_radii             ? 
_refine.pdbx_solvent_shrinkage_radii             ? 
_refine.overall_SU_R_Cruickshank_DPI             ? 
_refine.overall_SU_R_free                        ? 
_refine.overall_SU_ML                            ? 
_refine.overall_SU_B                             ? 
_refine.pdbx_overall_ESU_R_Free                  ? 
_refine.pdbx_data_cutoff_high_rms_absF           ? 
_refine.ls_wR_factor_R_free                      ? 
_refine.ls_wR_factor_R_work                      ? 
_refine.overall_FOM_free_R_set                   ? 
_refine.overall_FOM_work_R_set                   ? 
_refine.pdbx_refine_id                           'X-RAY DIFFRACTION' 
_refine.pdbx_overall_ESU_R                       ? 
_refine.pdbx_overall_phase_error                 ? 
_refine.pdbx_diffrn_id                           1 
_refine.pdbx_TLS_residual_ADP_flag               ? 
_refine.pdbx_overall_SU_R_free_Cruickshank_DPI   ? 
_refine.pdbx_overall_SU_R_Blow_DPI               ? 
_refine.pdbx_overall_SU_R_free_Blow_DPI          ? 
# 
_refine_hist.pdbx_refine_id                   'X-RAY DIFFRACTION' 
_refine_hist.cycle_id                         LAST 
_refine_hist.pdbx_number_atoms_protein        0 
_refine_hist.pdbx_number_atoms_nucleic_acid   527 
_refine_hist.pdbx_number_atoms_ligand         46 
_refine_hist.number_atoms_solvent             0 
_refine_hist.number_atoms_total               573 
_refine_hist.d_res_high                       3.00 
_refine_hist.d_res_low                        10.00 
# 
_struct.entry_id                  1ZJG 
_struct.title                     13mer-co 
_struct.pdbx_model_details        ? 
_struct.pdbx_CASP_flag            ? 
_struct.pdbx_model_type_details   ? 
# 
_struct_keywords.entry_id        1ZJG 
_struct_keywords.pdbx_keywords   DNA 
_struct_keywords.text            'A-DNA, flipped-out base, cobalt hexammine, PEG 400, DNA' 
# 
loop_
_struct_asym.id 
_struct_asym.pdbx_blank_PDB_chainid_flag 
_struct_asym.pdbx_modified 
_struct_asym.entity_id 
_struct_asym.details 
A N N 1 ? 
B N N 2 ? 
C N N 3 ? 
D N N 4 ? 
E N N 4 ? 
F N N 4 ? 
# 
loop_
_struct_conn.id 
_struct_conn.conn_type_id 
_struct_conn.pdbx_leaving_atom_flag 
_struct_conn.pdbx_PDB_id 
_struct_conn.ptnr1_label_asym_id 
_struct_conn.ptnr1_label_comp_id 
_struct_conn.ptnr1_label_seq_id 
_struct_conn.ptnr1_label_atom_id 
_struct_conn.pdbx_ptnr1_label_alt_id 
_struct_conn.pdbx_ptnr1_PDB_ins_code 
_struct_conn.pdbx_ptnr1_standard_comp_id 
_struct_conn.ptnr1_symmetry 
_struct_conn.ptnr2_label_asym_id 
_struct_conn.ptnr2_label_comp_id 
_struct_conn.ptnr2_label_seq_id 
_struct_conn.ptnr2_label_atom_id 
_struct_conn.pdbx_ptnr2_label_alt_id 
_struct_conn.pdbx_ptnr2_PDB_ins_code 
_struct_conn.ptnr1_auth_asym_id 
_struct_conn.ptnr1_auth_comp_id 
_struct_conn.ptnr1_auth_seq_id 
_struct_conn.ptnr2_auth_asym_id 
_struct_conn.ptnr2_auth_comp_id 
_struct_conn.ptnr2_auth_seq_id 
_struct_conn.ptnr2_symmetry 
_struct_conn.pdbx_ptnr3_label_atom_id 
_struct_conn.pdbx_ptnr3_label_seq_id 
_struct_conn.pdbx_ptnr3_label_comp_id 
_struct_conn.pdbx_ptnr3_label_asym_id 
_struct_conn.pdbx_ptnr3_label_alt_id 
_struct_conn.pdbx_ptnr3_PDB_ins_code 
_struct_conn.details 
_struct_conn.pdbx_dist_value 
_struct_conn.pdbx_value_order 
_struct_conn.pdbx_role 
hydrog1  hydrog ? ? A DT 2  N3 ? ? ? 1_555 B DA 13 N1 ? ? A DT 2  B DA 26 1_555 ? ? ? ? ? ? WATSON-CRICK ? ? ? 
hydrog2  hydrog ? ? A DT 2  O4 ? ? ? 1_555 B DA 13 N6 ? ? A DT 2  B DA 26 1_555 ? ? ? ? ? ? WATSON-CRICK ? ? ? 
hydrog3  hydrog ? ? A DG 3  N1 ? ? ? 1_555 B DC 12 N3 ? ? A DG 3  B DC 25 1_555 ? ? ? ? ? ? WATSON-CRICK ? ? ? 
hydrog4  hydrog ? ? A DG 3  N2 ? ? ? 1_555 B DC 12 O2 ? ? A DG 3  B DC 25 1_555 ? ? ? ? ? ? WATSON-CRICK ? ? ? 
hydrog5  hydrog ? ? A DG 3  O6 ? ? ? 1_555 B DC 12 N4 ? ? A DG 3  B DC 25 1_555 ? ? ? ? ? ? WATSON-CRICK ? ? ? 
hydrog6  hydrog ? ? A DG 4  N1 ? ? ? 1_555 B DC 11 N3 ? ? A DG 4  B DC 24 1_555 ? ? ? ? ? ? WATSON-CRICK ? ? ? 
hydrog7  hydrog ? ? A DG 4  N2 ? ? ? 1_555 B DC 11 O2 ? ? A DG 4  B DC 24 1_555 ? ? ? ? ? ? WATSON-CRICK ? ? ? 
hydrog8  hydrog ? ? A DG 4  O6 ? ? ? 1_555 B DC 11 N4 ? ? A DG 4  B DC 24 1_555 ? ? ? ? ? ? WATSON-CRICK ? ? ? 
hydrog9  hydrog ? ? A DG 5  N1 ? ? ? 1_555 B DC 10 N3 ? ? A DG 5  B DC 23 1_555 ? ? ? ? ? ? WATSON-CRICK ? ? ? 
hydrog10 hydrog ? ? A DG 5  N2 ? ? ? 1_555 B DC 10 O2 ? ? A DG 5  B DC 23 1_555 ? ? ? ? ? ? WATSON-CRICK ? ? ? 
hydrog11 hydrog ? ? A DG 5  O6 ? ? ? 1_555 B DC 10 N4 ? ? A DG 5  B DC 23 1_555 ? ? ? ? ? ? WATSON-CRICK ? ? ? 
hydrog12 hydrog ? ? A DG 6  N1 ? ? ? 1_555 B DC 9  N3 ? ? A DG 6  B DC 22 1_555 ? ? ? ? ? ? WATSON-CRICK ? ? ? 
hydrog13 hydrog ? ? A DG 6  N2 ? ? ? 1_555 B DC 9  O2 ? ? A DG 6  B DC 22 1_555 ? ? ? ? ? ? WATSON-CRICK ? ? ? 
hydrog14 hydrog ? ? A DG 6  O6 ? ? ? 1_555 B DC 9  N4 ? ? A DG 6  B DC 22 1_555 ? ? ? ? ? ? WATSON-CRICK ? ? ? 
hydrog15 hydrog ? ? A DC 7  N3 ? ? ? 1_555 B DG 8  N1 ? ? A DC 7  B DG 21 1_555 ? ? ? ? ? ? WATSON-CRICK ? ? ? 
hydrog16 hydrog ? ? A DC 7  N4 ? ? ? 1_555 B DG 8  O6 ? ? A DC 7  B DG 21 1_555 ? ? ? ? ? ? WATSON-CRICK ? ? ? 
hydrog17 hydrog ? ? A DC 7  O2 ? ? ? 1_555 B DG 8  N2 ? ? A DC 7  B DG 21 1_555 ? ? ? ? ? ? WATSON-CRICK ? ? ? 
hydrog18 hydrog ? ? A DG 8  N1 ? ? ? 1_555 B DC 7  N3 ? ? A DG 8  B DC 20 1_555 ? ? ? ? ? ? WATSON-CRICK ? ? ? 
hydrog19 hydrog ? ? A DG 8  N2 ? ? ? 1_555 B DC 7  O2 ? ? A DG 8  B DC 20 1_555 ? ? ? ? ? ? WATSON-CRICK ? ? ? 
hydrog20 hydrog ? ? A DG 8  O6 ? ? ? 1_555 B DC 7  N4 ? ? A DG 8  B DC 20 1_555 ? ? ? ? ? ? WATSON-CRICK ? ? ? 
hydrog21 hydrog ? ? A DG 9  N1 ? ? ? 1_555 B DC 6  N3 ? ? A DG 9  B DC 19 1_555 ? ? ? ? ? ? WATSON-CRICK ? ? ? 
hydrog22 hydrog ? ? A DG 9  N2 ? ? ? 1_555 B DC 6  O2 ? ? A DG 9  B DC 19 1_555 ? ? ? ? ? ? WATSON-CRICK ? ? ? 
hydrog23 hydrog ? ? A DG 9  O6 ? ? ? 1_555 B DC 6  N4 ? ? A DG 9  B DC 19 1_555 ? ? ? ? ? ? WATSON-CRICK ? ? ? 
hydrog24 hydrog ? ? A DG 10 N1 ? ? ? 1_555 B DC 5  N3 ? ? A DG 10 B DC 18 1_555 ? ? ? ? ? ? WATSON-CRICK ? ? ? 
hydrog25 hydrog ? ? A DG 10 N2 ? ? ? 1_555 B DC 5  O2 ? ? A DG 10 B DC 18 1_555 ? ? ? ? ? ? WATSON-CRICK ? ? ? 
hydrog26 hydrog ? ? A DG 10 O6 ? ? ? 1_555 B DC 5  N4 ? ? A DG 10 B DC 18 1_555 ? ? ? ? ? ? WATSON-CRICK ? ? ? 
hydrog27 hydrog ? ? A DG 11 N1 ? ? ? 1_555 B DC 4  N3 ? ? A DG 11 B DC 17 1_555 ? ? ? ? ? ? WATSON-CRICK ? ? ? 
hydrog28 hydrog ? ? A DG 11 N2 ? ? ? 1_555 B DC 4  O2 ? ? A DG 11 B DC 17 1_555 ? ? ? ? ? ? WATSON-CRICK ? ? ? 
hydrog29 hydrog ? ? A DG 11 O6 ? ? ? 1_555 B DC 4  N4 ? ? A DG 11 B DC 17 1_555 ? ? ? ? ? ? WATSON-CRICK ? ? ? 
hydrog30 hydrog ? ? A DC 12 N3 ? ? ? 1_555 B DG 3  N1 ? ? A DC 12 B DG 16 1_555 ? ? ? ? ? ? WATSON-CRICK ? ? ? 
hydrog31 hydrog ? ? A DC 12 N4 ? ? ? 1_555 B DG 3  O6 ? ? A DC 12 B DG 16 1_555 ? ? ? ? ? ? WATSON-CRICK ? ? ? 
hydrog32 hydrog ? ? A DC 12 O2 ? ? ? 1_555 B DG 3  N2 ? ? A DC 12 B DG 16 1_555 ? ? ? ? ? ? WATSON-CRICK ? ? ? 
hydrog33 hydrog ? ? A DT 13 N3 ? ? ? 1_555 B DA 2  N1 ? ? A DT 13 B DA 15 1_555 ? ? ? ? ? ? WATSON-CRICK ? ? ? 
hydrog34 hydrog ? ? A DT 13 O4 ? ? ? 1_555 B DA 2  N6 ? ? A DT 13 B DA 15 1_555 ? ? ? ? ? ? WATSON-CRICK ? ? ? 
# 
_struct_conn_type.id          hydrog 
_struct_conn_type.criteria    ? 
_struct_conn_type.reference   ? 
# 
loop_
_struct_site.id 
_struct_site.pdbx_evidence_code 
_struct_site.pdbx_auth_asym_id 
_struct_site.pdbx_auth_comp_id 
_struct_site.pdbx_auth_seq_id 
_struct_site.pdbx_auth_ins_code 
_struct_site.pdbx_num_residues 
_struct_site.details 
AC1 Software A NCO 201 ? 3 'BINDING SITE FOR RESIDUE NCO A 201' 
AC2 Software B PG4 301 ? 7 'BINDING SITE FOR RESIDUE PG4 B 301' 
AC3 Software B PG4 302 ? 2 'BINDING SITE FOR RESIDUE PG4 B 302' 
AC4 Software A PG4 303 ? 5 'BINDING SITE FOR RESIDUE PG4 A 303' 
# 
loop_
_struct_site_gen.id 
_struct_site_gen.site_id 
_struct_site_gen.pdbx_num_res 
_struct_site_gen.label_comp_id 
_struct_site_gen.label_asym_id 
_struct_site_gen.label_seq_id 
_struct_site_gen.pdbx_auth_ins_code 
_struct_site_gen.auth_comp_id 
_struct_site_gen.auth_asym_id 
_struct_site_gen.auth_seq_id 
_struct_site_gen.label_atom_id 
_struct_site_gen.label_alt_id 
_struct_site_gen.symmetry 
_struct_site_gen.details 
1  AC1 3 DG  A 4  ? DG  A 4   . ? 1_555 ? 
2  AC1 3 DG  A 5  ? DG  A 5   . ? 1_555 ? 
3  AC1 3 PG4 E .  ? PG4 B 301 . ? 1_555 ? 
4  AC2 7 NCO C .  ? NCO A 201 . ? 1_555 ? 
5  AC2 7 DC  B 9  ? DC  B 22  . ? 1_555 ? 
6  AC2 7 DC  B 10 ? DC  B 23  . ? 1_555 ? 
7  AC2 7 DC  B 11 ? DC  B 24  . ? 1_555 ? 
8  AC2 7 DC  B 12 ? DC  B 25  . ? 1_555 ? 
9  AC2 7 DA  B 13 ? DA  B 26  . ? 1_555 ? 
10 AC2 7 PG4 F .  ? PG4 B 302 . ? 1_555 ? 
11 AC3 2 DT  A 13 ? DT  A 13  . ? 3_655 ? 
12 AC3 2 PG4 E .  ? PG4 B 301 . ? 1_555 ? 
13 AC4 5 DC  A 7  ? DC  A 7   . ? 1_555 ? 
14 AC4 5 DG  A 8  ? DG  A 8   . ? 1_555 ? 
15 AC4 5 DG  A 9  ? DG  A 9   . ? 1_555 ? 
16 AC4 5 DC  B 6  ? DC  B 19  . ? 1_555 ? 
17 AC4 5 DC  B 7  ? DC  B 20  . ? 1_555 ? 
# 
_atom_sites.entry_id                    1ZJG 
_atom_sites.fract_transf_matrix[1][1]   0.00132229 
_atom_sites.fract_transf_matrix[1][2]   0.00314530 
_atom_sites.fract_transf_matrix[1][3]   -0.02549773 
_atom_sites.fract_transf_matrix[2][1]   0.02029328 
_atom_sites.fract_transf_matrix[2][2]   0.01077384 
_atom_sites.fract_transf_matrix[2][3]   0.00238141 
_atom_sites.fract_transf_matrix[3][1]   0.01004993 
_atom_sites.fract_transf_matrix[3][2]   -0.01853945 
_atom_sites.fract_transf_matrix[3][3]   -0.00176577 
_atom_sites.fract_transf_vector[1]      0.359512 
_atom_sites.fract_transf_vector[2]      0.716964 
_atom_sites.fract_transf_vector[3]      0.323074 
# 
loop_
_atom_type.symbol 
C  
CO 
N  
O  
P  
# 
loop_
_atom_site.group_PDB 
_atom_site.id 
_atom_site.type_symbol 
_atom_site.label_atom_id 
_atom_site.label_alt_id 
_atom_site.label_comp_id 
_atom_site.label_asym_id 
_atom_site.label_entity_id 
_atom_site.label_seq_id 
_atom_site.pdbx_PDB_ins_code 
_atom_site.Cartn_x 
_atom_site.Cartn_y 
_atom_site.Cartn_z 
_atom_site.occupancy 
_atom_site.B_iso_or_equiv 
_atom_site.pdbx_formal_charge 
_atom_site.auth_seq_id 
_atom_site.auth_comp_id 
_atom_site.auth_asym_id 
_atom_site.auth_atom_id 
_atom_site.pdbx_PDB_model_num 
ATOM   1   O  "O5'" . DA  A 1 1  ? 11.931  -2.329  -9.486  1.00 50.28 ? 1   DA  A "O5'" 1 
ATOM   2   C  "C5'" . DA  A 1 1  ? 10.785  -2.554  -10.316 1.00 51.10 ? 1   DA  A "C5'" 1 
ATOM   3   C  "C4'" . DA  A 1 1  ? 9.819   -1.392  -10.394 1.00 49.87 ? 1   DA  A "C4'" 1 
ATOM   4   O  "O4'" . DA  A 1 1  ? 10.488  -0.263  -11.008 1.00 48.95 ? 1   DA  A "O4'" 1 
ATOM   5   C  "C3'" . DA  A 1 1  ? 8.615   -1.654  -11.301 1.00 48.28 ? 1   DA  A "C3'" 1 
ATOM   6   O  "O3'" . DA  A 1 1  ? 7.600   -0.672  -11.064 1.00 48.76 ? 1   DA  A "O3'" 1 
ATOM   7   C  "C2'" . DA  A 1 1  ? 9.244   -1.400  -12.660 1.00 46.48 ? 1   DA  A "C2'" 1 
ATOM   8   C  "C1'" . DA  A 1 1  ? 10.112  -0.177  -12.378 1.00 45.56 ? 1   DA  A "C1'" 1 
ATOM   9   N  N9    . DA  A 1 1  ? 11.336  -0.084  -13.173 1.00 42.80 ? 1   DA  A N9    1 
ATOM   10  C  C8    . DA  A 1 1  ? 11.492  0.614   -14.338 1.00 43.66 ? 1   DA  A C8    1 
ATOM   11  N  N7    . DA  A 1 1  ? 12.703  0.564   -14.831 1.00 43.40 ? 1   DA  A N7    1 
ATOM   12  C  C5    . DA  A 1 1  ? 13.394  -0.229  -13.930 1.00 43.86 ? 1   DA  A C5    1 
ATOM   13  C  C6    . DA  A 1 1  ? 14.734  -0.660  -13.888 1.00 44.33 ? 1   DA  A C6    1 
ATOM   14  N  N6    . DA  A 1 1  ? 15.645  -0.319  -14.807 1.00 44.43 ? 1   DA  A N6    1 
ATOM   15  N  N1    . DA  A 1 1  ? 15.109  -1.455  -12.859 1.00 41.96 ? 1   DA  A N1    1 
ATOM   16  C  C2    . DA  A 1 1  ? 14.191  -1.780  -11.942 1.00 41.99 ? 1   DA  A C2    1 
ATOM   17  N  N3    . DA  A 1 1  ? 12.902  -1.432  -11.873 1.00 42.97 ? 1   DA  A N3    1 
ATOM   18  C  C4    . DA  A 1 1  ? 12.562  -0.646  -12.908 1.00 42.76 ? 1   DA  A C4    1 
ATOM   19  P  P     . DT  A 1 2  ? 6.200   -1.102  -10.411 1.00 49.24 ? 2   DT  A P     1 
ATOM   20  O  OP1   . DT  A 1 2  ? 5.186   -0.096  -10.804 1.00 50.66 ? 2   DT  A OP1   1 
ATOM   21  O  OP2   . DT  A 1 2  ? 6.476   -1.328  -8.982  1.00 51.19 ? 2   DT  A OP2   1 
ATOM   22  O  "O5'" . DT  A 1 2  ? 5.819   -2.490  -11.101 1.00 49.53 ? 2   DT  A "O5'" 1 
ATOM   23  C  "C5'" . DT  A 1 2  ? 5.338   -2.538  -12.452 1.00 46.85 ? 2   DT  A "C5'" 1 
ATOM   24  C  "C4'" . DT  A 1 2  ? 4.767   -3.901  -12.766 1.00 44.36 ? 2   DT  A "C4'" 1 
ATOM   25  O  "O4'" . DT  A 1 2  ? 5.819   -4.890  -12.687 1.00 44.51 ? 2   DT  A "O4'" 1 
ATOM   26  C  "C3'" . DT  A 1 2  ? 3.732   -4.372  -11.753 1.00 46.17 ? 2   DT  A "C3'" 1 
ATOM   27  O  "O3'" . DT  A 1 2  ? 2.406   -4.004  -12.147 1.00 46.10 ? 2   DT  A "O3'" 1 
ATOM   28  C  "C2'" . DT  A 1 2  ? 3.872   -5.883  -11.750 1.00 46.12 ? 2   DT  A "C2'" 1 
ATOM   29  C  "C1'" . DT  A 1 2  ? 5.317   -6.122  -12.164 1.00 44.75 ? 2   DT  A "C1'" 1 
ATOM   30  N  N1    . DT  A 1 2  ? 6.141   -6.577  -11.028 1.00 42.69 ? 2   DT  A N1    1 
ATOM   31  C  C2    . DT  A 1 2  ? 5.949   -7.868  -10.566 1.00 42.77 ? 2   DT  A C2    1 
ATOM   32  O  O2    . DT  A 1 2  ? 5.195   -8.664  -11.097 1.00 44.92 ? 2   DT  A O2    1 
ATOM   33  N  N3    . DT  A 1 2  ? 6.675   -8.199  -9.456  1.00 40.36 ? 2   DT  A N3    1 
ATOM   34  C  C4    . DT  A 1 2  ? 7.560   -7.401  -8.782  1.00 40.35 ? 2   DT  A C4    1 
ATOM   35  O  O4    . DT  A 1 2  ? 8.096   -7.829  -7.769  1.00 39.01 ? 2   DT  A O4    1 
ATOM   36  C  C5    . DT  A 1 2  ? 7.761   -6.069  -9.358  1.00 40.45 ? 2   DT  A C5    1 
ATOM   37  C  C7    . DT  A 1 2  ? 8.753   -5.141  -8.736  1.00 40.70 ? 2   DT  A C7    1 
ATOM   38  C  C6    . DT  A 1 2  ? 7.045   -5.734  -10.432 1.00 40.48 ? 2   DT  A C6    1 
ATOM   39  P  P     . DG  A 1 3  ? 1.286   -3.786  -11.015 1.00 45.22 ? 3   DG  A P     1 
ATOM   40  O  OP1   . DG  A 1 3  ? 0.062   -3.223  -11.647 1.00 45.01 ? 3   DG  A OP1   1 
ATOM   41  O  OP2   . DG  A 1 3  ? 1.965   -3.021  -9.941  1.00 47.06 ? 3   DG  A OP2   1 
ATOM   42  O  "O5'" . DG  A 1 3  ? 0.974   -5.262  -10.489 1.00 42.51 ? 3   DG  A "O5'" 1 
ATOM   43  C  "C5'" . DG  A 1 3  ? 0.128   -6.136  -11.233 1.00 42.12 ? 3   DG  A "C5'" 1 
ATOM   44  C  "C4'" . DG  A 1 3  ? -0.057  -7.444  -10.503 1.00 43.22 ? 3   DG  A "C4'" 1 
ATOM   45  O  "O4'" . DG  A 1 3  ? 1.212   -8.133  -10.440 1.00 44.86 ? 3   DG  A "O4'" 1 
ATOM   46  C  "C3'" . DG  A 1 3  ? -0.455  -7.319  -9.036  1.00 43.78 ? 3   DG  A "C3'" 1 
ATOM   47  O  "O3'" . DG  A 1 3  ? -1.858  -7.184  -8.889  1.00 45.43 ? 3   DG  A "O3'" 1 
ATOM   48  C  "C2'" . DG  A 1 3  ? -0.011  -8.661  -8.490  1.00 43.26 ? 3   DG  A "C2'" 1 
ATOM   49  C  "C1'" . DG  A 1 3  ? 1.309   -8.864  -9.215  1.00 42.91 ? 3   DG  A "C1'" 1 
ATOM   50  N  N9    . DG  A 1 3  ? 2.453   -8.362  -8.459  1.00 40.18 ? 3   DG  A N9    1 
ATOM   51  C  C8    . DG  A 1 3  ? 3.129   -7.181  -8.654  1.00 39.92 ? 3   DG  A C8    1 
ATOM   52  N  N7    . DG  A 1 3  ? 4.104   -7.005  -7.806  1.00 38.90 ? 3   DG  A N7    1 
ATOM   53  C  C5    . DG  A 1 3  ? 4.073   -8.140  -7.012  1.00 38.86 ? 3   DG  A C5    1 
ATOM   54  C  C6    . DG  A 1 3  ? 4.892   -8.511  -5.929  1.00 39.75 ? 3   DG  A C6    1 
ATOM   55  O  O6    . DG  A 1 3  ? 5.847   -7.903  -5.454  1.00 43.86 ? 3   DG  A O6    1 
ATOM   56  N  N1    . DG  A 1 3  ? 4.513   -9.733  -5.390  1.00 39.64 ? 3   DG  A N1    1 
ATOM   57  C  C2    . DG  A 1 3  ? 3.473   -10.505 -5.844  1.00 41.72 ? 3   DG  A C2    1 
ATOM   58  N  N2    . DG  A 1 3  ? 3.253   -11.658 -5.184  1.00 40.79 ? 3   DG  A N2    1 
ATOM   59  N  N3    . DG  A 1 3  ? 2.703   -10.172 -6.870  1.00 41.17 ? 3   DG  A N3    1 
ATOM   60  C  C4    . DG  A 1 3  ? 3.058   -8.983  -7.399  1.00 38.92 ? 3   DG  A C4    1 
ATOM   61  P  P     . DG  A 1 4  ? -2.446  -6.419  -7.611  1.00 47.80 ? 4   DG  A P     1 
ATOM   62  O  OP1   . DG  A 1 4  ? -3.913  -6.309  -7.815  1.00 48.89 ? 4   DG  A OP1   1 
ATOM   63  O  OP2   . DG  A 1 4  ? -1.641  -5.191  -7.380  1.00 45.93 ? 4   DG  A OP2   1 
ATOM   64  O  "O5'" . DG  A 1 4  ? -2.207  -7.455  -6.428  1.00 46.39 ? 4   DG  A "O5'" 1 
ATOM   65  C  "C5'" . DG  A 1 4  ? -2.986  -8.643  -6.373  1.00 45.52 ? 4   DG  A "C5'" 1 
ATOM   66  C  "C4'" . DG  A 1 4  ? -2.482  -9.564  -5.291  1.00 43.13 ? 4   DG  A "C4'" 1 
ATOM   67  O  "O4'" . DG  A 1 4  ? -1.092  -9.866  -5.553  1.00 43.25 ? 4   DG  A "O4'" 1 
ATOM   68  C  "C3'" . DG  A 1 4  ? -2.432  -8.967  -3.891  1.00 42.24 ? 4   DG  A "C3'" 1 
ATOM   69  O  "O3'" . DG  A 1 4  ? -3.705  -8.981  -3.254  1.00 40.38 ? 4   DG  A "O3'" 1 
ATOM   70  C  "C2'" . DG  A 1 4  ? -1.490  -9.948  -3.227  1.00 42.97 ? 4   DG  A "C2'" 1 
ATOM   71  C  "C1'" . DG  A 1 4  ? -0.437  -10.138 -4.319  1.00 42.17 ? 4   DG  A "C1'" 1 
ATOM   72  N  N9    . DG  A 1 4  ? 0.664   -9.199  -4.149  1.00 37.96 ? 4   DG  A N9    1 
ATOM   73  C  C8    . DG  A 1 4  ? 0.912   -8.049  -4.859  1.00 34.95 ? 4   DG  A C8    1 
ATOM   74  N  N7    . DG  A 1 4  ? 1.952   -7.395  -4.418  1.00 34.80 ? 4   DG  A N7    1 
ATOM   75  C  C5    . DG  A 1 4  ? 2.422   -8.167  -3.360  1.00 34.43 ? 4   DG  A C5    1 
ATOM   76  C  C6    . DG  A 1 4  ? 3.510   -7.960  -2.481  1.00 32.79 ? 4   DG  A C6    1 
ATOM   77  O  O6    . DG  A 1 4  ? 4.289   -7.026  -2.446  1.00 37.00 ? 4   DG  A O6    1 
ATOM   78  N  N1    . DG  A 1 4  ? 3.639   -8.990  -1.566  1.00 31.56 ? 4   DG  A N1    1 
ATOM   79  C  C2    . DG  A 1 4  ? 2.818   -10.080 -1.494  1.00 33.11 ? 4   DG  A C2    1 
ATOM   80  N  N2    . DG  A 1 4  ? 3.120   -10.975 -0.569  1.00 31.76 ? 4   DG  A N2    1 
ATOM   81  N  N3    . DG  A 1 4  ? 1.779   -10.279 -2.284  1.00 35.04 ? 4   DG  A N3    1 
ATOM   82  C  C4    . DG  A 1 4  ? 1.646   -9.288  -3.194  1.00 36.10 ? 4   DG  A C4    1 
ATOM   83  P  P     . DG  A 1 5  ? -4.111  -7.763  -2.282  1.00 40.93 ? 5   DG  A P     1 
ATOM   84  O  OP1   . DG  A 1 5  ? -5.562  -7.871  -1.961  1.00 38.17 ? 5   DG  A OP1   1 
ATOM   85  O  OP2   . DG  A 1 5  ? -3.581  -6.512  -2.897  1.00 38.31 ? 5   DG  A OP2   1 
ATOM   86  O  "O5'" . DG  A 1 5  ? -3.260  -8.020  -0.958  1.00 40.30 ? 5   DG  A "O5'" 1 
ATOM   87  C  "C5'" . DG  A 1 5  ? -3.340  -9.257  -0.258  1.00 42.23 ? 5   DG  A "C5'" 1 
ATOM   88  C  "C4'" . DG  A 1 5  ? -2.195  -9.385  0.722   1.00 43.55 ? 5   DG  A "C4'" 1 
ATOM   89  O  "O4'" . DG  A 1 5  ? -0.926  -9.327  0.025   1.00 45.86 ? 5   DG  A "O4'" 1 
ATOM   90  C  "C3'" . DG  A 1 5  ? -2.053  -8.246  1.720   1.00 43.37 ? 5   DG  A "C3'" 1 
ATOM   91  O  "O3'" . DG  A 1 5  ? -2.963  -8.402  2.799   1.00 43.43 ? 5   DG  A "O3'" 1 
ATOM   92  C  "C2'" . DG  A 1 5  ? -0.631  -8.459  2.200   1.00 42.85 ? 5   DG  A "C2'" 1 
ATOM   93  C  "C1'" . DG  A 1 5  ? 0.088   -8.886  0.929   1.00 43.90 ? 5   DG  A "C1'" 1 
ATOM   94  N  N9    . DG  A 1 5  ? 0.817   -7.786  0.307   1.00 44.30 ? 5   DG  A N9    1 
ATOM   95  C  C8    . DG  A 1 5  ? 0.477   -7.093  -0.828  1.00 43.13 ? 5   DG  A C8    1 
ATOM   96  N  N7    . DG  A 1 5  ? 1.310   -6.126  -1.107  1.00 43.19 ? 5   DG  A N7    1 
ATOM   97  C  C5    . DG  A 1 5  ? 2.260   -6.190  -0.100  1.00 43.79 ? 5   DG  A C5    1 
ATOM   98  C  C6    . DG  A 1 5  ? 3.403   -5.382  0.141   1.00 45.04 ? 5   DG  A C6    1 
ATOM   99  O  O6    . DG  A 1 5  ? 3.812   -4.400  -0.497  1.00 45.59 ? 5   DG  A O6    1 
ATOM   100 N  N1    . DG  A 1 5  ? 4.098   -5.811  1.264   1.00 44.28 ? 5   DG  A N1    1 
ATOM   101 C  C2    . DG  A 1 5  ? 3.745   -6.867  2.052   1.00 42.79 ? 5   DG  A C2    1 
ATOM   102 N  N2    . DG  A 1 5  ? 4.563   -7.126  3.066   1.00 43.21 ? 5   DG  A N2    1 
ATOM   103 N  N3    . DG  A 1 5  ? 2.675   -7.616  1.857   1.00 43.11 ? 5   DG  A N3    1 
ATOM   104 C  C4    . DG  A 1 5  ? 1.982   -7.221  0.770   1.00 43.92 ? 5   DG  A C4    1 
ATOM   105 P  P     . DG  A 1 6  ? -3.398  -7.120  3.659   1.00 44.07 ? 6   DG  A P     1 
ATOM   106 O  OP1   . DG  A 1 6  ? -4.558  -7.524  4.483   1.00 44.99 ? 6   DG  A OP1   1 
ATOM   107 O  OP2   . DG  A 1 6  ? -3.527  -5.988  2.706   1.00 42.01 ? 6   DG  A OP2   1 
ATOM   108 O  "O5'" . DG  A 1 6  ? -2.171  -6.836  4.631   1.00 39.29 ? 6   DG  A "O5'" 1 
ATOM   109 C  "C5'" . DG  A 1 6  ? -1.804  -7.779  5.618   1.00 40.53 ? 6   DG  A "C5'" 1 
ATOM   110 C  "C4'" . DG  A 1 6  ? -0.533  -7.341  6.305   1.00 43.96 ? 6   DG  A "C4'" 1 
ATOM   111 O  "O4'" . DG  A 1 6  ? 0.532   -7.224  5.335   1.00 43.35 ? 6   DG  A "O4'" 1 
ATOM   112 C  "C3'" . DG  A 1 6  ? -0.576  -5.939  6.895   1.00 44.98 ? 6   DG  A "C3'" 1 
ATOM   113 O  "O3'" . DG  A 1 6  ? -1.213  -5.941  8.167   1.00 44.19 ? 6   DG  A "O3'" 1 
ATOM   114 C  "C2'" . DG  A 1 6  ? 0.900   -5.608  7.028   1.00 45.15 ? 6   DG  A "C2'" 1 
ATOM   115 C  "C1'" . DG  A 1 6  ? 1.507   -6.301  5.813   1.00 44.15 ? 6   DG  A "C1'" 1 
ATOM   116 N  N9    . DG  A 1 6  ? 1.798   -5.403  4.705   1.00 45.44 ? 6   DG  A N9    1 
ATOM   117 C  C8    . DG  A 1 6  ? 1.108   -5.312  3.521   1.00 46.85 ? 6   DG  A C8    1 
ATOM   118 N  N7    . DG  A 1 6  ? 1.622   -4.448  2.691   1.00 46.48 ? 6   DG  A N7    1 
ATOM   119 C  C5    . DG  A 1 6  ? 2.712   -3.928  3.372   1.00 46.96 ? 6   DG  A C5    1 
ATOM   120 C  C6    . DG  A 1 6  ? 3.661   -2.966  2.969   1.00 47.77 ? 6   DG  A C6    1 
ATOM   121 O  O6    . DG  A 1 6  ? 3.741   -2.370  1.889   1.00 48.88 ? 6   DG  A O6    1 
ATOM   122 N  N1    . DG  A 1 6  ? 4.599   -2.723  3.966   1.00 46.97 ? 6   DG  A N1    1 
ATOM   123 C  C2    . DG  A 1 6  ? 4.626   -3.334  5.188   1.00 46.32 ? 6   DG  A C2    1 
ATOM   124 N  N2    . DG  A 1 6  ? 5.615   -2.955  6.002   1.00 45.26 ? 6   DG  A N2    1 
ATOM   125 N  N3    . DG  A 1 6  ? 3.750   -4.248  5.580   1.00 47.15 ? 6   DG  A N3    1 
ATOM   126 C  C4    . DG  A 1 6  ? 2.825   -4.495  4.625   1.00 47.02 ? 6   DG  A C4    1 
ATOM   127 P  P     . DC  A 1 7  ? -2.115  -4.689  8.593   1.00 44.66 ? 7   DC  A P     1 
ATOM   128 O  OP1   . DC  A 1 7  ? -2.938  -5.103  9.758   1.00 44.91 ? 7   DC  A OP1   1 
ATOM   129 O  OP2   . DC  A 1 7  ? -2.771  -4.152  7.383   1.00 45.88 ? 7   DC  A OP2   1 
ATOM   130 O  "O5'" . DC  A 1 7  ? -1.058  -3.598  9.059   1.00 43.26 ? 7   DC  A "O5'" 1 
ATOM   131 C  "C5'" . DC  A 1 7  ? -0.242  -3.827  10.195  1.00 43.35 ? 7   DC  A "C5'" 1 
ATOM   132 C  "C4'" . DC  A 1 7  ? 0.988   -2.956  10.136  1.00 43.98 ? 7   DC  A "C4'" 1 
ATOM   133 O  "O4'" . DC  A 1 7  ? 1.681   -3.197  8.894   1.00 42.26 ? 7   DC  A "O4'" 1 
ATOM   134 C  "C3'" . DC  A 1 7  ? 0.709   -1.464  10.070  1.00 45.16 ? 7   DC  A "C3'" 1 
ATOM   135 O  "O3'" . DC  A 1 7  ? 0.479   -0.946  11.377  1.00 48.71 ? 7   DC  A "O3'" 1 
ATOM   136 C  "C2'" . DC  A 1 7  ? 2.017   -0.945  9.509   1.00 43.50 ? 7   DC  A "C2'" 1 
ATOM   137 C  "C1'" . DC  A 1 7  ? 2.451   -2.058  8.567   1.00 42.81 ? 7   DC  A "C1'" 1 
ATOM   138 N  N1    . DC  A 1 7  ? 2.176   -1.729  7.173   1.00 45.20 ? 7   DC  A N1    1 
ATOM   139 C  C2    . DC  A 1 7  ? 2.979   -0.787  6.550   1.00 47.82 ? 7   DC  A C2    1 
ATOM   140 O  O2    . DC  A 1 7  ? 3.928   -0.297  7.184   1.00 47.31 ? 7   DC  A O2    1 
ATOM   141 N  N3    . DC  A 1 7  ? 2.706   -0.431  5.274   1.00 48.06 ? 7   DC  A N3    1 
ATOM   142 C  C4    . DC  A 1 7  ? 1.686   -0.991  4.633   1.00 47.11 ? 7   DC  A C4    1 
ATOM   143 N  N4    . DC  A 1 7  ? 1.442   -0.596  3.388   1.00 50.09 ? 7   DC  A N4    1 
ATOM   144 C  C5    . DC  A 1 7  ? 0.869   -1.975  5.239   1.00 46.51 ? 7   DC  A C5    1 
ATOM   145 C  C6    . DC  A 1 7  ? 1.146   -2.313  6.499   1.00 46.01 ? 7   DC  A C6    1 
ATOM   146 P  P     . DG  A 1 8  ? -0.428  0.366   11.562  1.00 52.01 ? 8   DG  A P     1 
ATOM   147 O  OP1   . DG  A 1 8  ? -0.599  0.576   13.026  1.00 53.16 ? 8   DG  A OP1   1 
ATOM   148 O  OP2   . DG  A 1 8  ? -1.626  0.236   10.699  1.00 52.31 ? 8   DG  A OP2   1 
ATOM   149 O  "O5'" . DG  A 1 8  ? 0.479   1.543   10.996  1.00 50.20 ? 8   DG  A "O5'" 1 
ATOM   150 C  "C5'" . DG  A 1 8  ? 1.610   1.986   11.733  1.00 53.18 ? 8   DG  A "C5'" 1 
ATOM   151 C  "C4'" . DG  A 1 8  ? 2.274   3.145   11.033  1.00 55.77 ? 8   DG  A "C4'" 1 
ATOM   152 O  "O4'" . DG  A 1 8  ? 2.831   2.702   9.778   1.00 55.04 ? 8   DG  A "O4'" 1 
ATOM   153 C  "C3'" . DG  A 1 8  ? 1.314   4.247   10.623  1.00 58.63 ? 8   DG  A "C3'" 1 
ATOM   154 O  "O3'" . DG  A 1 8  ? 1.091   5.154   11.698  1.00 64.62 ? 8   DG  A "O3'" 1 
ATOM   155 C  "C2'" . DG  A 1 8  ? 2.057   4.918   9.486   1.00 56.65 ? 8   DG  A "C2'" 1 
ATOM   156 C  "C1'" . DG  A 1 8  ? 2.834   3.774   8.850   1.00 54.44 ? 8   DG  A "C1'" 1 
ATOM   157 N  N9    . DG  A 1 8  ? 2.238   3.280   7.618   1.00 53.72 ? 8   DG  A N9    1 
ATOM   158 C  C8    . DG  A 1 8  ? 1.296   2.290   7.490   1.00 54.61 ? 8   DG  A C8    1 
ATOM   159 N  N7    . DG  A 1 8  ? 0.959   2.062   6.250   1.00 55.08 ? 8   DG  A N7    1 
ATOM   160 C  C5    . DG  A 1 8  ? 1.725   2.955   5.517   1.00 54.27 ? 8   DG  A C5    1 
ATOM   161 C  C6    . DG  A 1 8  ? 1.800   3.166   4.121   1.00 53.65 ? 8   DG  A C6    1 
ATOM   162 O  O6    . DG  A 1 8  ? 1.192   2.592   3.226   1.00 53.09 ? 8   DG  A O6    1 
ATOM   163 N  N1    . DG  A 1 8  ? 2.704   4.170   3.804   1.00 54.83 ? 8   DG  A N1    1 
ATOM   164 C  C2    . DG  A 1 8  ? 3.439   4.885   4.714   1.00 54.94 ? 8   DG  A C2    1 
ATOM   165 N  N2    . DG  A 1 8  ? 4.242   5.817   4.212   1.00 56.24 ? 8   DG  A N2    1 
ATOM   166 N  N3    . DG  A 1 8  ? 3.384   4.699   6.021   1.00 54.60 ? 8   DG  A N3    1 
ATOM   167 C  C4    . DG  A 1 8  ? 2.514   3.721   6.349   1.00 54.68 ? 8   DG  A C4    1 
ATOM   168 P  P     . DG  A 1 9  ? -0.189  6.120   11.652  1.00 71.04 ? 9   DG  A P     1 
ATOM   169 O  OP1   . DG  A 1 9  ? -0.220  6.909   12.914  1.00 70.09 ? 9   DG  A OP1   1 
ATOM   170 O  OP2   . DG  A 1 9  ? -1.366  5.272   11.293  1.00 68.22 ? 9   DG  A OP2   1 
ATOM   171 O  "O5'" . DG  A 1 9  ? 0.159   7.084   10.426  1.00 71.32 ? 9   DG  A "O5'" 1 
ATOM   172 C  "C5'" . DG  A 1 9  ? 1.389   7.804   10.406  1.00 74.91 ? 9   DG  A "C5'" 1 
ATOM   173 C  "C4'" . DG  A 1 9  ? 1.620   8.450   9.057   1.00 78.19 ? 9   DG  A "C4'" 1 
ATOM   174 O  "O4'" . DG  A 1 9  ? 1.839   7.461   8.030   1.00 78.92 ? 9   DG  A "O4'" 1 
ATOM   175 C  "C3'" . DG  A 1 9  ? 0.471   9.258   8.461   1.00 79.49 ? 9   DG  A "C3'" 1 
ATOM   176 O  "O3'" . DG  A 1 9  ? 0.334   10.538  9.086   1.00 80.22 ? 9   DG  A "O3'" 1 
ATOM   177 C  "C2'" . DG  A 1 9  ? 0.950   9.415   7.028   1.00 78.88 ? 9   DG  A "C2'" 1 
ATOM   178 C  "C1'" . DG  A 1 9  ? 1.675   8.094   6.761   1.00 78.78 ? 9   DG  A "C1'" 1 
ATOM   179 N  N9    . DG  A 1 9  ? 0.925   7.219   5.862   1.00 77.81 ? 9   DG  A N9    1 
ATOM   180 C  C8    . DG  A 1 9  ? 0.136   6.145   6.197   1.00 77.54 ? 9   DG  A C8    1 
ATOM   181 N  N7    . DG  A 1 9  ? -0.442  5.594   5.165   1.00 75.31 ? 9   DG  A N7    1 
ATOM   182 C  C5    . DG  A 1 9  ? 0.000   6.343   4.087   1.00 74.98 ? 9   DG  A C5    1 
ATOM   183 C  C6    . DG  A 1 9  ? -0.293  6.226   2.713   1.00 75.44 ? 9   DG  A C6    1 
ATOM   184 O  O6    . DG  A 1 9  ? -1.029  5.416   2.154   1.00 75.21 ? 9   DG  A O6    1 
ATOM   185 N  N1    . DG  A 1 9  ? 0.375   7.185   1.965   1.00 76.41 ? 9   DG  A N1    1 
ATOM   186 C  C2    . DG  A 1 9  ? 1.221   8.135   2.475   1.00 77.33 ? 9   DG  A C2    1 
ATOM   187 N  N2    . DG  A 1 9  ? 1.788   8.963   1.586   1.00 78.36 ? 9   DG  A N2    1 
ATOM   188 N  N3    . DG  A 1 9  ? 1.496   8.260   3.758   1.00 77.06 ? 9   DG  A N3    1 
ATOM   189 C  C4    . DG  A 1 9  ? 0.856   7.338   4.500   1.00 76.15 ? 9   DG  A C4    1 
ATOM   190 P  P     . DG  A 1 10 ? -1.115  11.234  9.146   1.00 80.11 ? 10  DG  A P     1 
ATOM   191 O  OP1   . DG  A 1 10 ? -1.030  12.405  10.053  1.00 80.73 ? 10  DG  A OP1   1 
ATOM   192 O  OP2   . DG  A 1 10 ? -2.098  10.167  9.442   1.00 81.20 ? 10  DG  A OP2   1 
ATOM   193 O  "O5'" . DG  A 1 10 ? -1.343  11.733  7.646   1.00 78.38 ? 10  DG  A "O5'" 1 
ATOM   194 C  "C5'" . DG  A 1 10 ? -0.514  12.751  7.086   1.00 77.47 ? 10  DG  A "C5'" 1 
ATOM   195 C  "C4'" . DG  A 1 10 ? -0.653  12.796  5.581   1.00 77.32 ? 10  DG  A "C4'" 1 
ATOM   196 O  "O4'" . DG  A 1 10 ? -0.250  11.529  5.004   1.00 77.24 ? 10  DG  A "O4'" 1 
ATOM   197 C  "C3'" . DG  A 1 10 ? -2.064  12.949  5.017   1.00 77.85 ? 10  DG  A "C3'" 1 
ATOM   198 O  "O3'" . DG  A 1 10 ? -2.555  14.288  5.087   1.00 78.49 ? 10  DG  A "O3'" 1 
ATOM   199 C  "C2'" . DG  A 1 10 ? -1.786  12.595  3.569   1.00 76.84 ? 10  DG  A "C2'" 1 
ATOM   200 C  "C1'" . DG  A 1 10 ? -0.873  11.392  3.721   1.00 75.20 ? 10  DG  A "C1'" 1 
ATOM   201 N  N9    . DG  A 1 10 ? -1.647  10.156  3.648   1.00 71.58 ? 10  DG  A N9    1 
ATOM   202 C  C8    . DG  A 1 10 ? -2.058  9.355   4.684   1.00 70.43 ? 10  DG  A C8    1 
ATOM   203 N  N7    . DG  A 1 10 ? -2.786  8.345   4.290   1.00 69.16 ? 10  DG  A N7    1 
ATOM   204 C  C5    . DG  A 1 10 ? -2.846  8.482   2.912   1.00 67.88 ? 10  DG  A C5    1 
ATOM   205 C  C6    . DG  A 1 10 ? -3.492  7.688   1.940   1.00 66.23 ? 10  DG  A C6    1 
ATOM   206 O  O6    . DG  A 1 10 ? -4.155  6.666   2.101   1.00 66.14 ? 10  DG  A O6    1 
ATOM   207 N  N1    . DG  A 1 10 ? -3.304  8.191   0.665   1.00 66.43 ? 10  DG  A N1    1 
ATOM   208 C  C2    . DG  A 1 10 ? -2.582  9.311   0.356   1.00 68.13 ? 10  DG  A C2    1 
ATOM   209 N  N2    . DG  A 1 10 ? -2.521  9.635   -0.943  1.00 68.84 ? 10  DG  A N2    1 
ATOM   210 N  N3    . DG  A 1 10 ? -1.966  10.056  1.250   1.00 68.88 ? 10  DG  A N3    1 
ATOM   211 C  C4    . DG  A 1 10 ? -2.142  9.588   2.501   1.00 69.34 ? 10  DG  A C4    1 
ATOM   212 P  P     . DG  A 1 11 ? -4.144  14.544  5.151   1.00 80.61 ? 11  DG  A P     1 
ATOM   213 O  OP1   . DG  A 1 11 ? -4.339  16.015  5.248   1.00 81.37 ? 11  DG  A OP1   1 
ATOM   214 O  OP2   . DG  A 1 11 ? -4.712  13.655  6.204   1.00 79.53 ? 11  DG  A OP2   1 
ATOM   215 O  "O5'" . DG  A 1 11 ? -4.700  14.074  3.731   1.00 76.47 ? 11  DG  A "O5'" 1 
ATOM   216 C  "C5'" . DG  A 1 11 ? -4.486  14.884  2.578   1.00 73.80 ? 11  DG  A "C5'" 1 
ATOM   217 C  "C4'" . DG  A 1 11 ? -5.023  14.211  1.335   1.00 72.03 ? 11  DG  A "C4'" 1 
ATOM   218 O  "O4'" . DG  A 1 11 ? -4.509  12.862  1.267   1.00 70.98 ? 11  DG  A "O4'" 1 
ATOM   219 C  "C3'" . DG  A 1 11 ? -6.532  13.983  1.268   1.00 71.48 ? 11  DG  A "C3'" 1 
ATOM   220 O  "O3'" . DG  A 1 11 ? -7.226  15.158  0.851   1.00 71.32 ? 11  DG  A "O3'" 1 
ATOM   221 C  "C2'" . DG  A 1 11 ? -6.593  12.946  0.164   1.00 69.35 ? 11  DG  A "C2'" 1 
ATOM   222 C  "C1'" . DG  A 1 11 ? -5.404  12.062  0.503   1.00 67.70 ? 11  DG  A "C1'" 1 
ATOM   223 N  N9    . DG  A 1 11 ? -5.800  10.908  1.298   1.00 63.79 ? 11  DG  A N9    1 
ATOM   224 C  C8    . DG  A 1 11 ? -5.641  10.709  2.650   1.00 61.80 ? 11  DG  A C8    1 
ATOM   225 N  N7    . DG  A 1 11 ? -6.105  9.555   3.052   1.00 60.41 ? 11  DG  A N7    1 
ATOM   226 C  C5    . DG  A 1 11 ? -6.597  8.963   1.895   1.00 59.37 ? 11  DG  A C5    1 
ATOM   227 C  C6    . DG  A 1 11 ? -7.200  7.698   1.689   1.00 57.21 ? 11  DG  A C6    1 
ATOM   228 O  O6    . DG  A 1 11 ? -7.428  6.816   2.510   1.00 54.86 ? 11  DG  A O6    1 
ATOM   229 N  N1    . DG  A 1 11 ? -7.543  7.507   0.357   1.00 56.17 ? 11  DG  A N1    1 
ATOM   230 C  C2    . DG  A 1 11 ? -7.331  8.413   -0.651  1.00 56.79 ? 11  DG  A C2    1 
ATOM   231 N  N2    . DG  A 1 11 ? -7.733  8.057   -1.871  1.00 54.93 ? 11  DG  A N2    1 
ATOM   232 N  N3    . DG  A 1 11 ? -6.766  9.586   -0.476  1.00 58.86 ? 11  DG  A N3    1 
ATOM   233 C  C4    . DG  A 1 11 ? -6.422  9.793   0.811   1.00 61.01 ? 11  DG  A C4    1 
ATOM   234 P  P     . DC  A 1 12 ? -8.769  15.355  1.261   1.00 71.61 ? 12  DC  A P     1 
ATOM   235 O  OP1   . DC  A 1 12 ? -9.103  16.763  0.945   1.00 72.57 ? 12  DC  A OP1   1 
ATOM   236 O  OP2   . DC  A 1 12 ? -8.993  14.832  2.635   1.00 70.34 ? 12  DC  A OP2   1 
ATOM   237 O  "O5'" . DC  A 1 12 ? -9.567  14.428  0.246   1.00 70.09 ? 12  DC  A "O5'" 1 
ATOM   238 C  "C5'" . DC  A 1 12 ? -9.620  14.756  -1.133  1.00 68.22 ? 12  DC  A "C5'" 1 
ATOM   239 C  "C4'" . DC  A 1 12 ? -10.234 13.622  -1.915  1.00 66.68 ? 12  DC  A "C4'" 1 
ATOM   240 O  "O4'" . DC  A 1 12 ? -9.484  12.425  -1.622  1.00 66.34 ? 12  DC  A "O4'" 1 
ATOM   241 C  "C3'" . DC  A 1 12 ? -11.649 13.249  -1.500  1.00 65.99 ? 12  DC  A "C3'" 1 
ATOM   242 O  "O3'" . DC  A 1 12 ? -12.604 14.028  -2.213  1.00 66.14 ? 12  DC  A "O3'" 1 
ATOM   243 C  "C2'" . DC  A 1 12 ? -11.741 11.804  -1.946  1.00 64.93 ? 12  DC  A "C2'" 1 
ATOM   244 C  "C1'" . DC  A 1 12 ? -10.330 11.288  -1.729  1.00 64.08 ? 12  DC  A "C1'" 1 
ATOM   245 N  N1    . DC  A 1 12 ? -10.197 10.484  -0.509  1.00 61.10 ? 12  DC  A N1    1 
ATOM   246 C  C2    . DC  A 1 12 ? -10.703 9.201   -0.518  1.00 59.48 ? 12  DC  A C2    1 
ATOM   247 O  O2    . DC  A 1 12 ? -11.234 8.788   -1.557  1.00 59.83 ? 12  DC  A O2    1 
ATOM   248 N  N3    . DC  A 1 12 ? -10.607 8.441   0.596   1.00 58.45 ? 12  DC  A N3    1 
ATOM   249 C  C4    . DC  A 1 12 ? -10.019 8.934   1.687   1.00 58.79 ? 12  DC  A C4    1 
ATOM   250 N  N4    . DC  A 1 12 ? -9.950  8.161   2.767   1.00 58.87 ? 12  DC  A N4    1 
ATOM   251 C  C5    . DC  A 1 12 ? -9.480  10.247  1.721   1.00 59.02 ? 12  DC  A C5    1 
ATOM   252 C  C6    . DC  A 1 12 ? -9.593  10.983  0.611   1.00 60.73 ? 12  DC  A C6    1 
ATOM   253 P  P     . DT  A 1 13 ? -14.147 13.956  -1.785  1.00 66.53 ? 13  DT  A P     1 
ATOM   254 O  OP1   . DT  A 1 13 ? -14.927 14.878  -2.650  1.00 66.32 ? 13  DT  A OP1   1 
ATOM   255 O  OP2   . DT  A 1 13 ? -14.187 14.122  -0.310  1.00 66.26 ? 13  DT  A OP2   1 
ATOM   256 O  "O5'" . DT  A 1 13 ? -14.564 12.451  -2.120  1.00 64.70 ? 13  DT  A "O5'" 1 
ATOM   257 C  "C5'" . DT  A 1 13 ? -14.310 11.891  -3.409  1.00 61.56 ? 13  DT  A "C5'" 1 
ATOM   258 C  "C4'" . DT  A 1 13 ? -15.019 10.564  -3.565  1.00 60.17 ? 13  DT  A "C4'" 1 
ATOM   259 O  "O4'" . DT  A 1 13 ? -14.443 9.581   -2.669  1.00 58.06 ? 13  DT  A "O4'" 1 
ATOM   260 C  "C3'" . DT  A 1 13 ? -16.520 10.569  -3.267  1.00 59.70 ? 13  DT  A "C3'" 1 
ATOM   261 O  "O3'" . DT  A 1 13 ? -17.164 9.474   -3.915  1.00 61.04 ? 13  DT  A "O3'" 1 
ATOM   262 C  "C2'" . DT  A 1 13 ? -16.539 10.148  -1.811  1.00 57.80 ? 13  DT  A "C2'" 1 
ATOM   263 C  "C1'" . DT  A 1 13 ? -15.442 9.098   -1.787  1.00 53.97 ? 13  DT  A "C1'" 1 
ATOM   264 N  N1    . DT  A 1 13 ? -14.847 8.920   -0.453  1.00 49.36 ? 13  DT  A N1    1 
ATOM   265 C  C2    . DT  A 1 13 ? -14.914 7.684   0.141   1.00 46.34 ? 13  DT  A C2    1 
ATOM   266 O  O2    . DT  A 1 13 ? -15.393 6.706   -0.405  1.00 43.45 ? 13  DT  A O2    1 
ATOM   267 N  N3    . DT  A 1 13 ? -14.391 7.634   1.408   1.00 45.74 ? 13  DT  A N3    1 
ATOM   268 C  C4    . DT  A 1 13 ? -13.814 8.676   2.117   1.00 45.38 ? 13  DT  A C4    1 
ATOM   269 O  O4    . DT  A 1 13 ? -13.406 8.493   3.262   1.00 43.97 ? 13  DT  A O4    1 
ATOM   270 C  C5    . DT  A 1 13 ? -13.754 9.930   1.418   1.00 45.21 ? 13  DT  A C5    1 
ATOM   271 C  C7    . DT  A 1 13 ? -13.137 11.107  2.096   1.00 46.15 ? 13  DT  A C7    1 
ATOM   272 C  C6    . DT  A 1 13 ? -14.261 9.990   0.184   1.00 47.23 ? 13  DT  A C6    1 
ATOM   273 O  "O5'" . DT  B 2 1  ? -15.211 2.838   11.945  1.00 54.98 ? 14  DT  B "O5'" 1 
ATOM   274 C  "C5'" . DT  B 2 1  ? -15.497 1.430   11.855  1.00 52.65 ? 14  DT  B "C5'" 1 
ATOM   275 C  "C4'" . DT  B 2 1  ? -16.212 1.046   10.580  1.00 51.81 ? 14  DT  B "C4'" 1 
ATOM   276 O  "O4'" . DT  B 2 1  ? -17.054 2.144   10.151  1.00 51.65 ? 14  DT  B "O4'" 1 
ATOM   277 C  "C3'" . DT  B 2 1  ? -15.291 0.811   9.393   1.00 51.69 ? 14  DT  B "C3'" 1 
ATOM   278 O  "O3'" . DT  B 2 1  ? -14.923 -0.561  9.333   1.00 52.66 ? 14  DT  B "O3'" 1 
ATOM   279 C  "C2'" . DT  B 2 1  ? -16.165 1.149   8.200   1.00 50.43 ? 14  DT  B "C2'" 1 
ATOM   280 C  "C1'" . DT  B 2 1  ? -17.102 2.216   8.733   1.00 49.73 ? 14  DT  B "C1'" 1 
ATOM   281 N  N1    . DT  B 2 1  ? -16.690 3.565   8.335   1.00 48.41 ? 14  DT  B N1    1 
ATOM   282 C  C2    . DT  B 2 1  ? -16.997 3.999   7.056   1.00 48.72 ? 14  DT  B C2    1 
ATOM   283 O  O2    . DT  B 2 1  ? -17.635 3.337   6.253   1.00 47.97 ? 14  DT  B O2    1 
ATOM   284 N  N3    . DT  B 2 1  ? -16.533 5.248   6.752   1.00 48.51 ? 14  DT  B N3    1 
ATOM   285 C  C4    . DT  B 2 1  ? -15.823 6.095   7.574   1.00 49.74 ? 14  DT  B C4    1 
ATOM   286 O  O4    . DT  B 2 1  ? -15.471 7.195   7.151   1.00 51.50 ? 14  DT  B O4    1 
ATOM   287 C  C5    . DT  B 2 1  ? -15.553 5.580   8.909   1.00 48.27 ? 14  DT  B C5    1 
ATOM   288 C  C7    . DT  B 2 1  ? -14.785 6.420   9.873   1.00 46.93 ? 14  DT  B C7    1 
ATOM   289 C  C6    . DT  B 2 1  ? -16.001 4.362   9.216   1.00 47.14 ? 14  DT  B C6    1 
ATOM   290 P  P     . DA  B 2 2  ? -13.720 -1.014  8.376   1.00 53.92 ? 15  DA  B P     1 
ATOM   291 O  OP1   . DA  B 2 2  ? -13.544 -2.465  8.595   1.00 56.03 ? 15  DA  B OP1   1 
ATOM   292 O  OP2   . DA  B 2 2  ? -12.592 -0.084  8.642   1.00 55.05 ? 15  DA  B OP2   1 
ATOM   293 O  "O5'" . DA  B 2 2  ? -14.252 -0.786  6.885   1.00 51.90 ? 15  DA  B "O5'" 1 
ATOM   294 C  "C5'" . DA  B 2 2  ? -15.167 -1.711  6.291   1.00 51.01 ? 15  DA  B "C5'" 1 
ATOM   295 C  "C4'" . DA  B 2 2  ? -15.494 -1.318  4.866   1.00 50.33 ? 15  DA  B "C4'" 1 
ATOM   296 O  "O4'" . DA  B 2 2  ? -16.160 -0.038  4.850   1.00 49.40 ? 15  DA  B "O4'" 1 
ATOM   297 C  "C3'" . DA  B 2 2  ? -14.307 -1.136  3.927   1.00 51.40 ? 15  DA  B "C3'" 1 
ATOM   298 O  "O3'" . DA  B 2 2  ? -14.004 -2.355  3.260   1.00 53.19 ? 15  DA  B "O3'" 1 
ATOM   299 C  "C2'" . DA  B 2 2  ? -14.816 -0.131  2.914   1.00 48.88 ? 15  DA  B "C2'" 1 
ATOM   300 C  "C1'" . DA  B 2 2  ? -15.705 0.754   3.756   1.00 46.43 ? 15  DA  B "C1'" 1 
ATOM   301 N  N9    . DA  B 2 2  ? -15.034 1.902   4.355   1.00 42.75 ? 15  DA  B N9    1 
ATOM   302 C  C8    . DA  B 2 2  ? -14.588 2.007   5.647   1.00 42.64 ? 15  DA  B C8    1 
ATOM   303 N  N7    . DA  B 2 2  ? -14.090 3.181   5.939   1.00 42.42 ? 15  DA  B N7    1 
ATOM   304 C  C5    . DA  B 2 2  ? -14.192 3.890   4.752   1.00 40.74 ? 15  DA  B C5    1 
ATOM   305 C  C6    . DA  B 2 2  ? -13.842 5.198   4.412   1.00 40.22 ? 15  DA  B C6    1 
ATOM   306 N  N6    . DA  B 2 2  ? -13.278 6.049   5.268   1.00 41.84 ? 15  DA  B N6    1 
ATOM   307 N  N1    . DA  B 2 2  ? -14.088 5.609   3.153   1.00 38.15 ? 15  DA  B N1    1 
ATOM   308 C  C2    . DA  B 2 2  ? -14.644 4.745   2.301   1.00 39.24 ? 15  DA  B C2    1 
ATOM   309 N  N3    . DA  B 2 2  ? -15.013 3.479   2.501   1.00 40.44 ? 15  DA  B N3    1 
ATOM   310 C  C4    . DA  B 2 2  ? -14.758 3.110   3.764   1.00 40.88 ? 15  DA  B C4    1 
ATOM   311 P  P     . DG  B 2 3  ? -12.483 -2.672  2.866   1.00 56.15 ? 16  DG  B P     1 
ATOM   312 O  OP1   . DG  B 2 3  ? -12.396 -4.139  2.628   1.00 55.27 ? 16  DG  B OP1   1 
ATOM   313 O  OP2   . DG  B 2 3  ? -11.614 -2.036  3.894   1.00 51.98 ? 16  DG  B OP2   1 
ATOM   314 O  "O5'" . DG  B 2 3  ? -12.289 -1.903  1.486   1.00 53.18 ? 16  DG  B "O5'" 1 
ATOM   315 C  "C5'" . DG  B 2 3  ? -13.122 -2.201  0.379   1.00 54.21 ? 16  DG  B "C5'" 1 
ATOM   316 C  "C4'" . DG  B 2 3  ? -13.165 -1.020  -0.559  1.00 57.29 ? 16  DG  B "C4'" 1 
ATOM   317 O  "O4'" . DG  B 2 3  ? -13.678 0.119   0.162   1.00 57.44 ? 16  DG  B "O4'" 1 
ATOM   318 C  "C3'" . DG  B 2 3  ? -11.798 -0.549  -1.045  1.00 59.48 ? 16  DG  B "C3'" 1 
ATOM   319 O  "O3'" . DG  B 2 3  ? -11.442 -1.228  -2.246  1.00 62.25 ? 16  DG  B "O3'" 1 
ATOM   320 C  "C2'" . DG  B 2 3  ? -12.045 0.912   -1.361  1.00 58.50 ? 16  DG  B "C2'" 1 
ATOM   321 C  "C1'" . DG  B 2 3  ? -13.078 1.317   -0.328  1.00 55.61 ? 16  DG  B "C1'" 1 
ATOM   322 N  N9    . DG  B 2 3  ? -12.481 2.032   0.792   1.00 51.32 ? 16  DG  B N9    1 
ATOM   323 C  C8    . DG  B 2 3  ? -12.170 1.538   2.038   1.00 50.67 ? 16  DG  B C8    1 
ATOM   324 N  N7    . DG  B 2 3  ? -11.664 2.439   2.832   1.00 48.94 ? 16  DG  B N7    1 
ATOM   325 C  C5    . DG  B 2 3  ? -11.635 3.593   2.059   1.00 48.06 ? 16  DG  B C5    1 
ATOM   326 C  C6    . DG  B 2 3  ? -11.205 4.898   2.382   1.00 46.63 ? 16  DG  B C6    1 
ATOM   327 O  O6    . DG  B 2 3  ? -10.764 5.308   3.458   1.00 47.12 ? 16  DG  B O6    1 
ATOM   328 N  N1    . DG  B 2 3  ? -11.342 5.768   1.302   1.00 43.87 ? 16  DG  B N1    1 
ATOM   329 C  C2    . DG  B 2 3  ? -11.845 5.418   0.071   1.00 45.20 ? 16  DG  B C2    1 
ATOM   330 N  N2    . DG  B 2 3  ? -11.903 6.382   -0.841  1.00 44.14 ? 16  DG  B N2    1 
ATOM   331 N  N3    . DG  B 2 3  ? -12.261 4.203   -0.238  1.00 46.20 ? 16  DG  B N3    1 
ATOM   332 C  C4    . DG  B 2 3  ? -12.128 3.350   0.795   1.00 48.26 ? 16  DG  B C4    1 
ATOM   333 P  P     . DC  B 2 4  ? -9.906  -1.561  -2.539  1.00 61.56 ? 17  DC  B P     1 
ATOM   334 O  OP1   . DC  B 2 4  ? -9.898  -2.727  -3.456  1.00 62.01 ? 17  DC  B OP1   1 
ATOM   335 O  OP2   . DC  B 2 4  ? -9.191  -1.632  -1.239  1.00 61.28 ? 17  DC  B OP2   1 
ATOM   336 O  "O5'" . DC  B 2 4  ? -9.396  -0.280  -3.324  1.00 61.02 ? 17  DC  B "O5'" 1 
ATOM   337 C  "C5'" . DC  B 2 4  ? -10.064 0.158   -4.501  1.00 59.04 ? 17  DC  B "C5'" 1 
ATOM   338 C  "C4'" . DC  B 2 4  ? -9.756  1.614   -4.750  1.00 58.07 ? 17  DC  B "C4'" 1 
ATOM   339 O  "O4'" . DC  B 2 4  ? -10.229 2.380   -3.623  1.00 56.41 ? 17  DC  B "O4'" 1 
ATOM   340 C  "C3'" . DC  B 2 4  ? -8.269  1.942   -4.723  1.00 58.86 ? 17  DC  B "C3'" 1 
ATOM   341 O  "O3'" . DC  B 2 4  ? -7.647  1.669   -5.970  1.00 60.90 ? 17  DC  B "O3'" 1 
ATOM   342 C  "C2'" . DC  B 2 4  ? -8.272  3.430   -4.448  1.00 56.33 ? 17  DC  B "C2'" 1 
ATOM   343 C  "C1'" . DC  B 2 4  ? -9.477  3.583   -3.533  1.00 54.61 ? 17  DC  B "C1'" 1 
ATOM   344 N  N1    . DC  B 2 4  ? -9.096  3.789   -2.142  1.00 49.88 ? 17  DC  B N1    1 
ATOM   345 C  C2    . DC  B 2 4  ? -8.740  5.064   -1.748  1.00 49.36 ? 17  DC  B C2    1 
ATOM   346 O  O2    . DC  B 2 4  ? -8.756  5.970   -2.594  1.00 48.82 ? 17  DC  B O2    1 
ATOM   347 N  N3    . DC  B 2 4  ? -8.383  5.286   -0.468  1.00 49.42 ? 17  DC  B N3    1 
ATOM   348 C  C4    . DC  B 2 4  ? -8.382  4.282   0.405   1.00 49.02 ? 17  DC  B C4    1 
ATOM   349 N  N4    . DC  B 2 4  ? -8.032  4.546   1.654   1.00 48.76 ? 17  DC  B N4    1 
ATOM   350 C  C5    . DC  B 2 4  ? -8.742  2.961   0.027   1.00 49.91 ? 17  DC  B C5    1 
ATOM   351 C  C6    . DC  B 2 4  ? -9.088  2.760   -1.249  1.00 49.96 ? 17  DC  B C6    1 
ATOM   352 P  P     . DC  B 2 5  ? -6.070  1.414   -6.008  1.00 62.22 ? 18  DC  B P     1 
ATOM   353 O  OP1   . DC  B 2 5  ? -5.733  0.918   -7.366  1.00 62.91 ? 18  DC  B OP1   1 
ATOM   354 O  OP2   . DC  B 2 5  ? -5.725  0.593   -4.813  1.00 61.22 ? 18  DC  B OP2   1 
ATOM   355 O  "O5'" . DC  B 2 5  ? -5.476  2.875   -5.825  1.00 60.22 ? 18  DC  B "O5'" 1 
ATOM   356 C  "C5'" . DC  B 2 5  ? -5.809  3.891   -6.754  1.00 62.61 ? 18  DC  B "C5'" 1 
ATOM   357 C  "C4'" . DC  B 2 5  ? -5.215  5.211   -6.328  1.00 64.29 ? 18  DC  B "C4'" 1 
ATOM   358 O  "O4'" . DC  B 2 5  ? -5.878  5.698   -5.149  1.00 64.04 ? 18  DC  B "O4'" 1 
ATOM   359 C  "C3'" . DC  B 2 5  ? -3.756  5.153   -5.911  1.00 65.58 ? 18  DC  B "C3'" 1 
ATOM   360 O  "O3'" . DC  B 2 5  ? -2.928  5.203   -7.066  1.00 70.26 ? 18  DC  B "O3'" 1 
ATOM   361 C  "C2'" . DC  B 2 5  ? -3.623  6.419   -5.088  1.00 62.68 ? 18  DC  B "C2'" 1 
ATOM   362 C  "C1'" . DC  B 2 5  ? -4.983  6.516   -4.407  1.00 61.71 ? 18  DC  B "C1'" 1 
ATOM   363 N  N1    . DC  B 2 5  ? -4.987  5.990   -3.039  1.00 59.77 ? 18  DC  B N1    1 
ATOM   364 C  C2    . DC  B 2 5  ? -4.533  6.808   -2.015  1.00 59.04 ? 18  DC  B C2    1 
ATOM   365 O  O2    . DC  B 2 5  ? -4.130  7.952   -2.302  1.00 57.83 ? 18  DC  B O2    1 
ATOM   366 N  N3    . DC  B 2 5  ? -4.533  6.335   -0.746  1.00 57.95 ? 18  DC  B N3    1 
ATOM   367 C  C4    . DC  B 2 5  ? -4.957  5.095   -0.497  1.00 57.35 ? 18  DC  B C4    1 
ATOM   368 N  N4    . DC  B 2 5  ? -4.928  4.665   0.763   1.00 58.04 ? 18  DC  B N4    1 
ATOM   369 C  C5    . DC  B 2 5  ? -5.427  4.242   -1.528  1.00 57.01 ? 18  DC  B C5    1 
ATOM   370 C  C6    . DC  B 2 5  ? -5.426  4.723   -2.771  1.00 57.84 ? 18  DC  B C6    1 
ATOM   371 P  P     . DC  B 2 6  ? -1.405  4.717   -6.964  1.00 74.34 ? 19  DC  B P     1 
ATOM   372 O  OP1   . DC  B 2 6  ? -0.853  4.850   -8.338  1.00 73.65 ? 19  DC  B OP1   1 
ATOM   373 O  OP2   . DC  B 2 6  ? -1.364  3.394   -6.276  1.00 74.39 ? 19  DC  B OP2   1 
ATOM   374 O  "O5'" . DC  B 2 6  ? -0.735  5.806   -6.007  1.00 70.47 ? 19  DC  B "O5'" 1 
ATOM   375 C  "C5'" . DC  B 2 6  ? -0.484  7.121   -6.490  1.00 67.66 ? 19  DC  B "C5'" 1 
ATOM   376 C  "C4'" . DC  B 2 6  ? 0.326   7.910   -5.490  1.00 66.14 ? 19  DC  B "C4'" 1 
ATOM   377 O  "O4'" . DC  B 2 6  ? -0.488  8.277   -4.360  1.00 65.90 ? 19  DC  B "O4'" 1 
ATOM   378 C  "C3'" . DC  B 2 6  ? 1.519   7.176   -4.901  1.00 65.83 ? 19  DC  B "C3'" 1 
ATOM   379 O  "O3'" . DC  B 2 6  ? 2.641   7.327   -5.765  1.00 67.46 ? 19  DC  B "O3'" 1 
ATOM   380 C  "C2'" . DC  B 2 6  ? 1.715   7.910   -3.587  1.00 64.08 ? 19  DC  B "C2'" 1 
ATOM   381 C  "C1'" . DC  B 2 6  ? 0.284   8.243   -3.170  1.00 63.71 ? 19  DC  B "C1'" 1 
ATOM   382 N  N1    . DC  B 2 6  ? -0.346  7.218   -2.328  1.00 63.17 ? 19  DC  B N1    1 
ATOM   383 C  C2    . DC  B 2 6  ? -0.233  7.318   -0.942  1.00 62.60 ? 19  DC  B C2    1 
ATOM   384 O  O2    . DC  B 2 6  ? 0.347   8.298   -0.459  1.00 63.08 ? 19  DC  B O2    1 
ATOM   385 N  N3    . DC  B 2 6  ? -0.765  6.350   -0.164  1.00 61.10 ? 19  DC  B N3    1 
ATOM   386 C  C4    . DC  B 2 6  ? -1.406  5.323   -0.723  1.00 61.04 ? 19  DC  B C4    1 
ATOM   387 N  N4    . DC  B 2 6  ? -1.896  4.383   0.079   1.00 62.32 ? 19  DC  B N4    1 
ATOM   388 C  C5    . DC  B 2 6  ? -1.566  5.212   -2.132  1.00 61.56 ? 19  DC  B C5    1 
ATOM   389 C  C6    . DC  B 2 6  ? -1.023  6.171   -2.890  1.00 62.84 ? 19  DC  B C6    1 
ATOM   390 P  P     . DC  B 2 7  ? 3.769   6.187   -5.806  1.00 69.80 ? 20  DC  B P     1 
ATOM   391 O  OP1   . DC  B 2 7  ? 4.673   6.470   -6.943  1.00 70.68 ? 20  DC  B OP1   1 
ATOM   392 O  OP2   . DC  B 2 7  ? 3.090   4.869   -5.736  1.00 70.58 ? 20  DC  B OP2   1 
ATOM   393 O  "O5'" . DC  B 2 7  ? 4.564   6.457   -4.452  1.00 68.59 ? 20  DC  B "O5'" 1 
ATOM   394 C  "C5'" . DC  B 2 7  ? 5.095   7.752   -4.191  1.00 69.46 ? 20  DC  B "C5'" 1 
ATOM   395 C  "C4'" . DC  B 2 7  ? 5.355   7.944   -2.715  1.00 69.93 ? 20  DC  B "C4'" 1 
ATOM   396 O  "O4'" . DC  B 2 7  ? 4.112   7.984   -1.978  1.00 69.68 ? 20  DC  B "O4'" 1 
ATOM   397 C  "C3'" . DC  B 2 7  ? 6.166   6.840   -2.046  1.00 70.49 ? 20  DC  B "C3'" 1 
ATOM   398 O  "O3'" . DC  B 2 7  ? 7.565   7.037   -2.271  1.00 71.93 ? 20  DC  B "O3'" 1 
ATOM   399 C  "C2'" . DC  B 2 7  ? 5.809   7.080   -0.591  1.00 69.71 ? 20  DC  B "C2'" 1 
ATOM   400 C  "C1'" . DC  B 2 7  ? 4.329   7.447   -0.672  1.00 69.05 ? 20  DC  B "C1'" 1 
ATOM   401 N  N1    . DC  B 2 7  ? 3.457   6.275   -0.487  1.00 67.13 ? 20  DC  B N1    1 
ATOM   402 C  C2    . DC  B 2 7  ? 3.155   5.864   0.816   1.00 66.52 ? 20  DC  B C2    1 
ATOM   403 O  O2    . DC  B 2 7  ? 3.593   6.529   1.770   1.00 64.83 ? 20  DC  B O2    1 
ATOM   404 N  N3    . DC  B 2 7  ? 2.395   4.756   1.002   1.00 65.34 ? 20  DC  B N3    1 
ATOM   405 C  C4    . DC  B 2 7  ? 1.937   4.080   -0.054  1.00 64.68 ? 20  DC  B C4    1 
ATOM   406 N  N4    . DC  B 2 7  ? 1.207   2.988   0.172   1.00 64.30 ? 20  DC  B N4    1 
ATOM   407 C  C5    . DC  B 2 7  ? 2.212   4.492   -1.391  1.00 64.27 ? 20  DC  B C5    1 
ATOM   408 C  C6    . DC  B 2 7  ? 2.966   5.583   -1.560  1.00 65.22 ? 20  DC  B C6    1 
ATOM   409 P  P     . DG  B 2 8  ? 8.540   5.761   -2.398  1.00 73.45 ? 21  DG  B P     1 
ATOM   410 O  OP1   . DG  B 2 8  ? 9.812   6.213   -3.014  1.00 73.61 ? 21  DG  B OP1   1 
ATOM   411 O  OP2   . DG  B 2 8  ? 7.789   4.643   -3.028  1.00 72.93 ? 21  DG  B OP2   1 
ATOM   412 O  "O5'" . DG  B 2 8  ? 8.815   5.376   -0.877  1.00 71.87 ? 21  DG  B "O5'" 1 
ATOM   413 C  "C5'" . DG  B 2 8  ? 9.328   6.340   0.037   1.00 71.83 ? 21  DG  B "C5'" 1 
ATOM   414 C  "C4'" . DG  B 2 8  ? 9.451   5.739   1.418   1.00 72.46 ? 21  DG  B "C4'" 1 
ATOM   415 O  "O4'" . DG  B 2 8  ? 8.147   5.641   2.037   1.00 72.38 ? 21  DG  B "O4'" 1 
ATOM   416 C  "C3'" . DG  B 2 8  ? 9.994   4.315   1.440   1.00 72.23 ? 21  DG  B "C3'" 1 
ATOM   417 O  "O3'" . DG  B 2 8  ? 11.423  4.296   1.462   1.00 72.07 ? 21  DG  B "O3'" 1 
ATOM   418 C  "C2'" . DG  B 2 8  ? 9.418   3.753   2.726   1.00 71.41 ? 21  DG  B "C2'" 1 
ATOM   419 C  "C1'" . DG  B 2 8  ? 8.082   4.481   2.868   1.00 70.54 ? 21  DG  B "C1'" 1 
ATOM   420 N  N9    . DG  B 2 8  ? 6.941   3.674   2.444   1.00 68.23 ? 21  DG  B N9    1 
ATOM   421 C  C8    . DG  B 2 8  ? 6.463   3.523   1.164   1.00 67.56 ? 21  DG  B C8    1 
ATOM   422 N  N7    . DG  B 2 8  ? 5.447   2.708   1.090   1.00 67.39 ? 21  DG  B N7    1 
ATOM   423 C  C5    . DG  B 2 8  ? 5.238   2.299   2.401   1.00 66.26 ? 21  DG  B C5    1 
ATOM   424 C  C6    . DG  B 2 8  ? 4.285   1.398   2.943   1.00 64.41 ? 21  DG  B C6    1 
ATOM   425 O  O6    . DG  B 2 8  ? 3.421   0.744   2.355   1.00 61.44 ? 21  DG  B O6    1 
ATOM   426 N  N1    . DG  B 2 8  ? 4.418   1.288   4.319   1.00 63.85 ? 21  DG  B N1    1 
ATOM   427 C  C2    . DG  B 2 8  ? 5.347   1.945   5.077   1.00 64.25 ? 21  DG  B C2    1 
ATOM   428 N  N2    . DG  B 2 8  ? 5.295   1.726   6.391   1.00 64.64 ? 21  DG  B N2    1 
ATOM   429 N  N3    . DG  B 2 8  ? 6.256   2.761   4.586   1.00 65.80 ? 21  DG  B N3    1 
ATOM   430 C  C4    . DG  B 2 8  ? 6.142   2.896   3.250   1.00 66.80 ? 21  DG  B C4    1 
ATOM   431 P  P     . DC  B 2 9  ? 12.202  3.013   0.875   1.00 74.90 ? 22  DC  B P     1 
ATOM   432 O  OP1   . DC  B 2 9  ? 13.661  3.309   0.896   1.00 74.67 ? 22  DC  B OP1   1 
ATOM   433 O  OP2   . DC  B 2 9  ? 11.556  2.618   -0.407  1.00 73.85 ? 22  DC  B OP2   1 
ATOM   434 O  "O5'" . DC  B 2 9  ? 11.882  1.859   1.933   1.00 72.25 ? 22  DC  B "O5'" 1 
ATOM   435 C  "C5'" . DC  B 2 9  ? 12.358  1.944   3.276   1.00 69.04 ? 22  DC  B "C5'" 1 
ATOM   436 C  "C4'" . DC  B 2 9  ? 11.649  0.945   4.159   1.00 65.68 ? 22  DC  B "C4'" 1 
ATOM   437 O  "O4'" . DC  B 2 9  ? 10.260  1.309   4.306   1.00 65.07 ? 22  DC  B "O4'" 1 
ATOM   438 C  "C3'" . DC  B 2 9  ? 11.593  -0.485  3.637   1.00 64.49 ? 22  DC  B "C3'" 1 
ATOM   439 O  "O3'" . DC  B 2 9  ? 12.802  -1.180  3.935   1.00 63.65 ? 22  DC  B "O3'" 1 
ATOM   440 C  "C2'" . DC  B 2 9  ? 10.450  -1.043  4.464   1.00 64.22 ? 22  DC  B "C2'" 1 
ATOM   441 C  "C1'" . DC  B 2 9  ? 9.487   0.137   4.552   1.00 65.07 ? 22  DC  B "C1'" 1 
ATOM   442 N  N1    . DC  B 2 9  ? 8.436   0.046   3.529   1.00 64.64 ? 22  DC  B N1    1 
ATOM   443 C  C2    . DC  B 2 9  ? 7.314   -0.749  3.781   1.00 63.11 ? 22  DC  B C2    1 
ATOM   444 O  O2    . DC  B 2 9  ? 7.182   -1.262  4.902   1.00 62.15 ? 22  DC  B O2    1 
ATOM   445 N  N3    . DC  B 2 9  ? 6.404   -0.933  2.799   1.00 61.79 ? 22  DC  B N3    1 
ATOM   446 C  C4    . DC  B 2 9  ? 6.573   -0.344  1.614   1.00 60.80 ? 22  DC  B C4    1 
ATOM   447 N  N4    . DC  B 2 9  ? 5.687   -0.598  0.657   1.00 60.04 ? 22  DC  B N4    1 
ATOM   448 C  C5    . DC  B 2 9  ? 7.670   0.522   1.355   1.00 62.43 ? 22  DC  B C5    1 
ATOM   449 C  C6    . DC  B 2 9  ? 8.569   0.690   2.331   1.00 63.80 ? 22  DC  B C6    1 
ATOM   450 P  P     . DC  B 2 10 ? 13.287  -2.385  2.983   1.00 63.75 ? 23  DC  B P     1 
ATOM   451 O  OP1   . DC  B 2 10 ? 14.711  -2.676  3.308   1.00 64.32 ? 23  DC  B OP1   1 
ATOM   452 O  OP2   . DC  B 2 10 ? 12.908  -2.062  1.585   1.00 65.65 ? 23  DC  B OP2   1 
ATOM   453 O  "O5'" . DC  B 2 10 ? 12.389  -3.625  3.418   1.00 61.48 ? 23  DC  B "O5'" 1 
ATOM   454 C  "C5'" . DC  B 2 10 ? 12.488  -4.170  4.726   1.00 59.55 ? 23  DC  B "C5'" 1 
ATOM   455 C  "C4'" . DC  B 2 10 ? 11.267  -5.000  5.041   1.00 58.41 ? 23  DC  B "C4'" 1 
ATOM   456 O  "O4'" . DC  B 2 10 ? 10.089  -4.177  4.876   1.00 60.55 ? 23  DC  B "O4'" 1 
ATOM   457 C  "C3'" . DC  B 2 10 ? 10.998  -6.160  4.092   1.00 56.83 ? 23  DC  B "C3'" 1 
ATOM   458 O  "O3'" . DC  B 2 10 ? 11.747  -7.310  4.469   1.00 54.15 ? 23  DC  B "O3'" 1 
ATOM   459 C  "C2'" . DC  B 2 10 ? 9.529   -6.413  4.370   1.00 59.16 ? 23  DC  B "C2'" 1 
ATOM   460 C  "C1'" . DC  B 2 10 ? 8.973   -5.013  4.594   1.00 59.86 ? 23  DC  B "C1'" 1 
ATOM   461 N  N1    . DC  B 2 10 ? 8.257   -4.515  3.411   1.00 59.48 ? 23  DC  B N1    1 
ATOM   462 C  C2    . DC  B 2 10 ? 7.002   -5.047  3.129   1.00 59.69 ? 23  DC  B C2    1 
ATOM   463 O  O2    . DC  B 2 10 ? 6.513   -5.854  3.913   1.00 60.52 ? 23  DC  B O2    1 
ATOM   464 N  N3    . DC  B 2 10 ? 6.354   -4.671  2.014   1.00 62.22 ? 23  DC  B N3    1 
ATOM   465 C  C4    . DC  B 2 10 ? 6.912   -3.786  1.188   1.00 63.62 ? 23  DC  B C4    1 
ATOM   466 N  N4    . DC  B 2 10 ? 6.250   -3.480  0.068   1.00 62.64 ? 23  DC  B N4    1 
ATOM   467 C  C5    . DC  B 2 10 ? 8.179   -3.187  1.470   1.00 63.31 ? 23  DC  B C5    1 
ATOM   468 C  C6    . DC  B 2 10 ? 8.810   -3.577  2.588   1.00 60.45 ? 23  DC  B C6    1 
ATOM   469 P  P     . DC  B 2 11 ? 11.986  -8.484  3.401   1.00 54.27 ? 24  DC  B P     1 
ATOM   470 O  OP1   . DC  B 2 11 ? 12.984  -9.421  3.964   1.00 55.85 ? 24  DC  B OP1   1 
ATOM   471 O  OP2   . DC  B 2 11 ? 12.221  -7.873  2.074   1.00 52.77 ? 24  DC  B OP2   1 
ATOM   472 O  "O5'" . DC  B 2 11 ? 10.592  -9.246  3.333   1.00 53.76 ? 24  DC  B "O5'" 1 
ATOM   473 C  "C5'" . DC  B 2 11 ? 10.187  -10.122 4.377   1.00 50.10 ? 24  DC  B "C5'" 1 
ATOM   474 C  "C4'" . DC  B 2 11 ? 8.890   -10.797 4.008   1.00 48.06 ? 24  DC  B "C4'" 1 
ATOM   475 O  "O4'" . DC  B 2 11 ? 7.907   -9.773  3.758   1.00 49.35 ? 24  DC  B "O4'" 1 
ATOM   476 C  "C3'" . DC  B 2 11 ? 8.939   -11.577 2.706   1.00 47.19 ? 24  DC  B "C3'" 1 
ATOM   477 O  "O3'" . DC  B 2 11 ? 9.326   -12.920 2.965   1.00 46.90 ? 24  DC  B "O3'" 1 
ATOM   478 C  "C2'" . DC  B 2 11 ? 7.501   -11.526 2.226   1.00 47.07 ? 24  DC  B "C2'" 1 
ATOM   479 C  "C1'" . DC  B 2 11 ? 7.020   -10.175 2.723   1.00 47.97 ? 24  DC  B "C1'" 1 
ATOM   480 N  N1    . DC  B 2 11 ? 7.044   -9.118  1.706   1.00 47.87 ? 24  DC  B N1    1 
ATOM   481 C  C2    . DC  B 2 11 ? 6.017   -9.070  0.753   1.00 49.71 ? 24  DC  B C2    1 
ATOM   482 O  O2    . DC  B 2 11 ? 5.111   -9.917  0.805   1.00 50.99 ? 24  DC  B O2    1 
ATOM   483 N  N3    . DC  B 2 11 ? 6.035   -8.100  -0.195  1.00 48.83 ? 24  DC  B N3    1 
ATOM   484 C  C4    . DC  B 2 11 ? 7.017   -7.197  -0.199  1.00 48.71 ? 24  DC  B C4    1 
ATOM   485 N  N4    . DC  B 2 11 ? 6.987   -6.239  -1.125  1.00 47.74 ? 24  DC  B N4    1 
ATOM   486 C  C5    . DC  B 2 11 ? 8.074   -7.229  0.761   1.00 49.30 ? 24  DC  B C5    1 
ATOM   487 C  C6    . DC  B 2 11 ? 8.047   -8.195  1.685   1.00 46.20 ? 24  DC  B C6    1 
ATOM   488 P  P     . DC  B 2 12 ? 10.180  -13.719 1.867   1.00 48.43 ? 25  DC  B P     1 
ATOM   489 O  OP1   . DC  B 2 12 ? 10.964  -14.768 2.570   1.00 46.32 ? 25  DC  B OP1   1 
ATOM   490 O  OP2   . DC  B 2 12 ? 10.875  -12.725 1.009   1.00 45.60 ? 25  DC  B OP2   1 
ATOM   491 O  "O5'" . DC  B 2 12 ? 9.070   -14.416 0.964   1.00 48.44 ? 25  DC  B "O5'" 1 
ATOM   492 C  "C5'" . DC  B 2 12 ? 7.987   -15.116 1.557   1.00 48.82 ? 25  DC  B "C5'" 1 
ATOM   493 C  "C4'" . DC  B 2 12 ? 6.809   -15.121 0.618   1.00 49.37 ? 25  DC  B "C4'" 1 
ATOM   494 O  "O4'" . DC  B 2 12 ? 6.438   -13.754 0.380   1.00 50.40 ? 25  DC  B "O4'" 1 
ATOM   495 C  "C3'" . DC  B 2 12 ? 7.128   -15.633 -0.779  1.00 51.20 ? 25  DC  B "C3'" 1 
ATOM   496 O  "O3'" . DC  B 2 12 ? 6.900   -17.035 -0.858  1.00 55.35 ? 25  DC  B "O3'" 1 
ATOM   497 C  "C2'" . DC  B 2 12 ? 6.120   -14.921 -1.659  1.00 50.53 ? 25  DC  B "C2'" 1 
ATOM   498 C  "C1'" . DC  B 2 12 ? 5.810   -13.647 -0.894  1.00 50.07 ? 25  DC  B "C1'" 1 
ATOM   499 N  N1    . DC  B 2 12 ? 6.294   -12.425 -1.554  1.00 47.01 ? 25  DC  B N1    1 
ATOM   500 C  C2    . DC  B 2 12 ? 5.592   -11.942 -2.647  1.00 45.64 ? 25  DC  B C2    1 
ATOM   501 O  O2    . DC  B 2 12 ? 4.592   -12.563 -3.037  1.00 45.48 ? 25  DC  B O2    1 
ATOM   502 N  N3    . DC  B 2 12 ? 6.011   -10.811 -3.249  1.00 45.32 ? 25  DC  B N3    1 
ATOM   503 C  C4    . DC  B 2 12 ? 7.079   -10.167 -2.785  1.00 45.29 ? 25  DC  B C4    1 
ATOM   504 N  N4    . DC  B 2 12 ? 7.438   -9.036  -3.385  1.00 45.78 ? 25  DC  B N4    1 
ATOM   505 C  C5    . DC  B 2 12 ? 7.823   -10.649 -1.677  1.00 45.32 ? 25  DC  B C5    1 
ATOM   506 C  C6    . DC  B 2 12 ? 7.403   -11.774 -1.100  1.00 45.36 ? 25  DC  B C6    1 
ATOM   507 P  P     . DA  B 2 13 ? 7.413   -17.845 -2.147  1.00 57.79 ? 26  DA  B P     1 
ATOM   508 O  OP1   . DA  B 2 13 ? 7.486   -19.285 -1.758  1.00 57.33 ? 26  DA  B OP1   1 
ATOM   509 O  OP2   . DA  B 2 13 ? 8.620   -17.146 -2.669  1.00 56.80 ? 26  DA  B OP2   1 
ATOM   510 O  "O5'" . DA  B 2 13 ? 6.264   -17.638 -3.227  1.00 54.41 ? 26  DA  B "O5'" 1 
ATOM   511 C  "C5'" . DA  B 2 13 ? 6.512   -17.886 -4.603  1.00 51.89 ? 26  DA  B "C5'" 1 
ATOM   512 C  "C4'" . DA  B 2 13 ? 5.327   -17.446 -5.428  1.00 50.29 ? 26  DA  B "C4'" 1 
ATOM   513 O  "O4'" . DA  B 2 13 ? 5.171   -16.012 -5.294  1.00 47.67 ? 26  DA  B "O4'" 1 
ATOM   514 C  "C3'" . DA  B 2 13 ? 5.489   -17.679 -6.927  1.00 49.15 ? 26  DA  B "C3'" 1 
ATOM   515 O  "O3'" . DA  B 2 13 ? 4.199   -17.612 -7.559  1.00 50.26 ? 26  DA  B "O3'" 1 
ATOM   516 C  "C2'" . DA  B 2 13 ? 6.265   -16.435 -7.300  1.00 47.17 ? 26  DA  B "C2'" 1 
ATOM   517 C  "C1'" . DA  B 2 13 ? 5.499   -15.390 -6.519  1.00 46.04 ? 26  DA  B "C1'" 1 
ATOM   518 N  N9    . DA  B 2 13 ? 6.276   -14.191 -6.230  1.00 46.14 ? 26  DA  B N9    1 
ATOM   519 C  C8    . DA  B 2 13 ? 7.212   -14.017 -5.247  1.00 46.25 ? 26  DA  B C8    1 
ATOM   520 N  N7    . DA  B 2 13 ? 7.774   -12.835 -5.259  1.00 46.55 ? 26  DA  B N7    1 
ATOM   521 C  C5    . DA  B 2 13 ? 7.159   -12.183 -6.316  1.00 45.73 ? 26  DA  B C5    1 
ATOM   522 C  C6    . DA  B 2 13 ? 7.317   -10.896 -6.848  1.00 46.13 ? 26  DA  B C6    1 
ATOM   523 N  N6    . DA  B 2 13 ? 8.175   -10.003 -6.363  1.00 47.54 ? 26  DA  B N6    1 
ATOM   524 N  N1    . DA  B 2 13 ? 6.556   -10.553 -7.907  1.00 46.10 ? 26  DA  B N1    1 
ATOM   525 C  C2    . DA  B 2 13 ? 5.687   -11.458 -8.386  1.00 47.00 ? 26  DA  B C2    1 
ATOM   526 N  N3    . DA  B 2 13 ? 5.446   -12.701 -7.968  1.00 45.34 ? 26  DA  B N3    1 
ATOM   527 C  C4    . DA  B 2 13 ? 6.226   -13.004 -6.918  1.00 45.76 ? 26  DA  B C4    1 
HETATM 528 CO CO    . NCO C 3 .  ? 2.942   -3.109  -4.521  0.50 49.70 ? 201 NCO A CO    1 
HETATM 529 N  N1    . NCO C 3 .  ? 1.280   -3.269  -5.676  0.50 48.90 ? 201 NCO A N1    1 
HETATM 530 N  N2    . NCO C 3 .  ? 3.991   -3.251  -6.234  0.50 48.43 ? 201 NCO A N2    1 
HETATM 531 N  N3    . NCO C 3 .  ? 2.900   -1.123  -4.479  0.50 48.34 ? 201 NCO A N3    1 
HETATM 532 N  N4    . NCO C 3 .  ? 3.114   -5.056  -4.444  0.50 48.16 ? 201 NCO A N4    1 
HETATM 533 N  N5    . NCO C 3 .  ? 4.563   -3.034  -3.425  0.50 47.58 ? 201 NCO A N5    1 
HETATM 534 N  N6    . NCO C 3 .  ? 1.799   -3.048  -2.846  0.50 48.33 ? 201 NCO A N6    1 
HETATM 535 O  O1    . PG4 D 4 .  ? -1.815  1.798   -0.616  0.40 45.69 ? 303 PG4 A O1    1 
HETATM 536 C  C1    . PG4 D 4 .  ? -2.114  0.420   -0.804  0.40 47.59 ? 303 PG4 A C1    1 
HETATM 537 C  C2    . PG4 D 4 .  ? -1.318  -0.704  -0.139  0.40 48.10 ? 303 PG4 A C2    1 
HETATM 538 O  O2    . PG4 D 4 .  ? -1.939  -0.381  1.156   0.40 48.29 ? 303 PG4 A O2    1 
HETATM 539 C  C3    . PG4 D 4 .  ? -1.305  -1.358  1.991   0.40 47.07 ? 303 PG4 A C3    1 
HETATM 540 C  C4    . PG4 D 4 .  ? -1.909  -1.092  3.413   0.40 46.28 ? 303 PG4 A C4    1 
HETATM 541 O  O3    . PG4 D 4 .  ? -1.643  0.283   3.570   0.40 45.57 ? 303 PG4 A O3    1 
HETATM 542 C  C5    . PG4 D 4 .  ? -2.155  0.695   4.840   0.40 44.15 ? 303 PG4 A C5    1 
HETATM 543 C  C6    . PG4 D 4 .  ? -1.823  2.210   4.925   0.40 43.63 ? 303 PG4 A C6    1 
HETATM 544 O  O4    . PG4 D 4 .  ? -3.024  2.577   5.417   0.40 43.08 ? 303 PG4 A O4    1 
HETATM 545 C  C7    . PG4 D 4 .  ? -3.089  4.003   5.635   0.40 42.78 ? 303 PG4 A C7    1 
HETATM 546 C  C8    . PG4 D 4 .  ? -4.487  4.326   6.196   0.40 43.06 ? 303 PG4 A C8    1 
HETATM 547 O  O5    . PG4 D 4 .  ? -4.531  3.871   7.550   0.40 42.33 ? 303 PG4 A O5    1 
HETATM 548 O  O1    . PG4 E 4 .  ? 10.482  -12.534 -3.535  0.40 52.72 ? 301 PG4 B O1    1 
HETATM 549 C  C1    . PG4 E 4 .  ? 11.469  -12.141 -4.475  0.40 53.02 ? 301 PG4 B C1    1 
HETATM 550 C  C2    . PG4 E 4 .  ? 11.399  -10.839 -5.265  0.40 52.91 ? 301 PG4 B C2    1 
HETATM 551 O  O2    . PG4 E 4 .  ? 11.164  -10.089 -4.023  0.40 53.62 ? 301 PG4 B O2    1 
HETATM 552 C  C3    . PG4 E 4 .  ? 11.072  -8.778  -4.564  0.40 54.00 ? 301 PG4 B C3    1 
HETATM 553 C  C4    . PG4 E 4 .  ? 10.816  -7.851  -3.327  0.40 53.85 ? 301 PG4 B C4    1 
HETATM 554 O  O3    . PG4 E 4 .  ? 10.029  -6.853  -3.926  0.40 54.27 ? 301 PG4 B O3    1 
HETATM 555 C  C5    . PG4 E 4 .  ? 9.679   -5.888  -2.932  0.40 52.65 ? 301 PG4 B C5    1 
HETATM 556 C  C6    . PG4 E 4 .  ? 8.814   -4.844  -3.696  0.40 51.86 ? 301 PG4 B C6    1 
HETATM 557 O  O4    . PG4 E 4 .  ? 8.830   -3.920  -2.716  0.40 50.76 ? 301 PG4 B O4    1 
HETATM 558 C  C7    . PG4 E 4 .  ? 8.088   -2.745  -3.093  0.40 49.32 ? 301 PG4 B C7    1 
HETATM 559 C  C8    . PG4 E 4 .  ? 8.168   -1.761  -1.915  0.40 48.64 ? 301 PG4 B C8    1 
HETATM 560 O  O5    . PG4 E 4 .  ? 7.092   -0.843  -2.049  0.40 47.93 ? 301 PG4 B O5    1 
HETATM 561 O  O1    . PG4 F 4 .  ? 7.035   1.966   -6.247  0.40 39.27 ? 302 PG4 B O1    1 
HETATM 562 C  C1    . PG4 F 4 .  ? 8.026   1.016   -5.875  0.40 39.11 ? 302 PG4 B C1    1 
HETATM 563 C  C2    . PG4 F 4 .  ? 8.398   0.740   -4.422  0.40 38.95 ? 302 PG4 B C2    1 
HETATM 564 O  O2    . PG4 F 4 .  ? 9.824   0.668   -4.782  0.40 38.44 ? 302 PG4 B O2    1 
HETATM 565 C  C3    . PG4 F 4 .  ? 10.361  0.406   -3.489  0.40 37.69 ? 302 PG4 B C3    1 
HETATM 566 C  C4    . PG4 F 4 .  ? 11.901  0.304   -3.722  0.40 37.34 ? 302 PG4 B C4    1 
HETATM 567 O  O3    . PG4 F 4 .  ? 12.200  -0.888  -3.038  0.40 37.23 ? 302 PG4 B O3    1 
HETATM 568 C  C5    . PG4 F 4 .  ? 13.607  -1.113  -3.167  0.40 36.42 ? 302 PG4 B C5    1 
HETATM 569 C  C6    . PG4 F 4 .  ? 13.884  -2.434  -2.401  0.40 36.15 ? 302 PG4 B C6    1 
HETATM 570 O  O4    . PG4 F 4 .  ? 13.716  -3.239  -3.476  0.40 34.97 ? 302 PG4 B O4    1 
HETATM 571 C  C7    . PG4 F 4 .  ? 13.908  -4.623  -3.137  0.40 34.12 ? 302 PG4 B C7    1 
HETATM 572 C  C8    . PG4 F 4 .  ? 13.702  -5.449  -4.416  0.40 33.24 ? 302 PG4 B C8    1 
HETATM 573 O  O5    . PG4 F 4 .  ? 13.782  -6.825  -4.057  0.40 32.62 ? 302 PG4 B O5    1 
# 
loop_
_pdbx_poly_seq_scheme.asym_id 
_pdbx_poly_seq_scheme.entity_id 
_pdbx_poly_seq_scheme.seq_id 
_pdbx_poly_seq_scheme.mon_id 
_pdbx_poly_seq_scheme.ndb_seq_num 
_pdbx_poly_seq_scheme.pdb_seq_num 
_pdbx_poly_seq_scheme.auth_seq_num 
_pdbx_poly_seq_scheme.pdb_mon_id 
_pdbx_poly_seq_scheme.auth_mon_id 
_pdbx_poly_seq_scheme.pdb_strand_id 
_pdbx_poly_seq_scheme.pdb_ins_code 
_pdbx_poly_seq_scheme.hetero 
A 1 1  DA 1  1  1  DA A A . n 
A 1 2  DT 2  2  2  DT T A . n 
A 1 3  DG 3  3  3  DG G A . n 
A 1 4  DG 4  4  4  DG G A . n 
A 1 5  DG 5  5  5  DG G A . n 
A 1 6  DG 6  6  6  DG G A . n 
A 1 7  DC 7  7  7  DC C A . n 
A 1 8  DG 8  8  8  DG G A . n 
A 1 9  DG 9  9  9  DG G A . n 
A 1 10 DG 10 10 10 DG G A . n 
A 1 11 DG 11 11 11 DG G A . n 
A 1 12 DC 12 12 12 DC C A . n 
A 1 13 DT 13 13 13 DT T A . n 
B 2 1  DT 1  14 14 DT T B . n 
B 2 2  DA 2  15 15 DA A B . n 
B 2 3  DG 3  16 16 DG G B . n 
B 2 4  DC 4  17 17 DC C B . n 
B 2 5  DC 5  18 18 DC C B . n 
B 2 6  DC 6  19 19 DC C B . n 
B 2 7  DC 7  20 20 DC C B . n 
B 2 8  DG 8  21 21 DG G B . n 
B 2 9  DC 9  22 22 DC C B . n 
B 2 10 DC 10 23 23 DC C B . n 
B 2 11 DC 11 24 24 DC C B . n 
B 2 12 DC 12 25 25 DC C B . n 
B 2 13 DA 13 26 26 DA A B . n 
# 
loop_
_pdbx_nonpoly_scheme.asym_id 
_pdbx_nonpoly_scheme.entity_id 
_pdbx_nonpoly_scheme.mon_id 
_pdbx_nonpoly_scheme.ndb_seq_num 
_pdbx_nonpoly_scheme.pdb_seq_num 
_pdbx_nonpoly_scheme.auth_seq_num 
_pdbx_nonpoly_scheme.pdb_mon_id 
_pdbx_nonpoly_scheme.auth_mon_id 
_pdbx_nonpoly_scheme.pdb_strand_id 
_pdbx_nonpoly_scheme.pdb_ins_code 
C 3 NCO 1 201 201 NCO NCO A . 
D 4 PG4 1 303 303 PG4 PG4 A . 
E 4 PG4 1 301 301 PG4 PG4 B . 
F 4 PG4 1 302 302 PG4 PG4 B . 
# 
_pdbx_struct_assembly.id                   1 
_pdbx_struct_assembly.details              author_defined_assembly 
_pdbx_struct_assembly.method_details       ? 
_pdbx_struct_assembly.oligomeric_details   dimeric 
_pdbx_struct_assembly.oligomeric_count     2 
# 
_pdbx_struct_assembly_gen.assembly_id       1 
_pdbx_struct_assembly_gen.oper_expression   1 
_pdbx_struct_assembly_gen.asym_id_list      A,B,C,D,E,F 
# 
_pdbx_struct_oper_list.id                   1 
_pdbx_struct_oper_list.type                 'identity operation' 
_pdbx_struct_oper_list.name                 1_555 
_pdbx_struct_oper_list.symmetry_operation   x,y,z 
_pdbx_struct_oper_list.matrix[1][1]         1.0000000000 
_pdbx_struct_oper_list.matrix[1][2]         0.0000000000 
_pdbx_struct_oper_list.matrix[1][3]         0.0000000000 
_pdbx_struct_oper_list.vector[1]            0.0000000000 
_pdbx_struct_oper_list.matrix[2][1]         0.0000000000 
_pdbx_struct_oper_list.matrix[2][2]         1.0000000000 
_pdbx_struct_oper_list.matrix[2][3]         0.0000000000 
_pdbx_struct_oper_list.vector[2]            0.0000000000 
_pdbx_struct_oper_list.matrix[3][1]         0.0000000000 
_pdbx_struct_oper_list.matrix[3][2]         0.0000000000 
_pdbx_struct_oper_list.matrix[3][3]         1.0000000000 
_pdbx_struct_oper_list.vector[3]            0.0000000000 
# 
loop_
_pdbx_audit_revision_history.ordinal 
_pdbx_audit_revision_history.data_content_type 
_pdbx_audit_revision_history.major_revision 
_pdbx_audit_revision_history.minor_revision 
_pdbx_audit_revision_history.revision_date 
1 'Structure model' 1 0 2005-05-10 
2 'Structure model' 1 1 2008-04-30 
3 'Structure model' 1 2 2011-07-13 
4 'Structure model' 1 3 2013-03-06 
5 'Structure model' 1 4 2023-11-29 
# 
_pdbx_audit_revision_details.ordinal             1 
_pdbx_audit_revision_details.revision_ordinal    1 
_pdbx_audit_revision_details.data_content_type   'Structure model' 
_pdbx_audit_revision_details.provider            repository 
_pdbx_audit_revision_details.type                'Initial release' 
_pdbx_audit_revision_details.description         ? 
_pdbx_audit_revision_details.details             ? 
# 
loop_
_pdbx_audit_revision_group.ordinal 
_pdbx_audit_revision_group.revision_ordinal 
_pdbx_audit_revision_group.data_content_type 
_pdbx_audit_revision_group.group 
1 2 'Structure model' 'Version format compliance' 
2 3 'Structure model' 'Version format compliance' 
3 4 'Structure model' Other                       
4 5 'Structure model' 'Data collection'           
5 5 'Structure model' 'Database references'       
6 5 'Structure model' 'Derived calculations'      
# 
loop_
_pdbx_audit_revision_category.ordinal 
_pdbx_audit_revision_category.revision_ordinal 
_pdbx_audit_revision_category.data_content_type 
_pdbx_audit_revision_category.category 
1 5 'Structure model' chem_comp_atom        
2 5 'Structure model' chem_comp_bond        
3 5 'Structure model' database_2            
4 5 'Structure model' pdbx_database_related 
5 5 'Structure model' struct_site           
# 
loop_
_pdbx_audit_revision_item.ordinal 
_pdbx_audit_revision_item.revision_ordinal 
_pdbx_audit_revision_item.data_content_type 
_pdbx_audit_revision_item.item 
1 5 'Structure model' '_database_2.pdbx_DOI'                
2 5 'Structure model' '_database_2.pdbx_database_accession' 
3 5 'Structure model' '_pdbx_database_related.db_name'      
4 5 'Structure model' '_struct_site.pdbx_auth_asym_id'      
5 5 'Structure model' '_struct_site.pdbx_auth_comp_id'      
6 5 'Structure model' '_struct_site.pdbx_auth_seq_id'       
# 
loop_
_software.name 
_software.classification 
_software.version 
_software.citation_id 
_software.pdbx_ordinal 
HKL-2000  'data collection' . ? 1 
SCALEPACK 'data scaling'    . ? 2 
AMoRE     phasing           . ? 3 
CNS       refinement        . ? 4 
HKL-2000  'data reduction'  . ? 5 
# 
loop_
_pdbx_validate_rmsd_angle.id 
_pdbx_validate_rmsd_angle.PDB_model_num 
_pdbx_validate_rmsd_angle.auth_atom_id_1 
_pdbx_validate_rmsd_angle.auth_asym_id_1 
_pdbx_validate_rmsd_angle.auth_comp_id_1 
_pdbx_validate_rmsd_angle.auth_seq_id_1 
_pdbx_validate_rmsd_angle.PDB_ins_code_1 
_pdbx_validate_rmsd_angle.label_alt_id_1 
_pdbx_validate_rmsd_angle.auth_atom_id_2 
_pdbx_validate_rmsd_angle.auth_asym_id_2 
_pdbx_validate_rmsd_angle.auth_comp_id_2 
_pdbx_validate_rmsd_angle.auth_seq_id_2 
_pdbx_validate_rmsd_angle.PDB_ins_code_2 
_pdbx_validate_rmsd_angle.label_alt_id_2 
_pdbx_validate_rmsd_angle.auth_atom_id_3 
_pdbx_validate_rmsd_angle.auth_asym_id_3 
_pdbx_validate_rmsd_angle.auth_comp_id_3 
_pdbx_validate_rmsd_angle.auth_seq_id_3 
_pdbx_validate_rmsd_angle.PDB_ins_code_3 
_pdbx_validate_rmsd_angle.label_alt_id_3 
_pdbx_validate_rmsd_angle.angle_value 
_pdbx_validate_rmsd_angle.angle_target_value 
_pdbx_validate_rmsd_angle.angle_deviation 
_pdbx_validate_rmsd_angle.angle_standard_deviation 
_pdbx_validate_rmsd_angle.linker_flag 
1 1 "O4'" A DT 2  ? ? "C1'" A DT 2  ? ? N1    A DT 2  ? ? 110.60 108.30 2.30  0.30 N 
2 1 "O4'" A DG 5  ? ? "C4'" A DG 5  ? ? "C3'" A DG 5  ? ? 101.75 104.50 -2.75 0.40 N 
3 1 "O4'" A DG 6  ? ? "C4'" A DG 6  ? ? "C3'" A DG 6  ? ? 101.90 104.50 -2.60 0.40 N 
4 1 "O4'" A DG 9  ? ? "C4'" A DG 9  ? ? "C3'" A DG 9  ? ? 101.51 104.50 -2.99 0.40 N 
5 1 "O4'" A DG 10 ? ? "C4'" A DG 10 ? ? "C3'" A DG 10 ? ? 101.33 104.50 -3.17 0.40 N 
6 1 "O4'" A DG 10 ? ? "C1'" A DG 10 ? ? N9    A DG 10 ? ? 110.89 108.30 2.59  0.30 N 
7 1 "O4'" A DG 11 ? ? "C4'" A DG 11 ? ? "C3'" A DG 11 ? ? 102.10 104.50 -2.40 0.40 N 
8 1 "O4'" B DC 17 ? ? "C4'" B DC 17 ? ? "C3'" B DC 17 ? ? 101.06 104.50 -3.44 0.40 N 
# 
loop_
_chem_comp_atom.comp_id 
_chem_comp_atom.atom_id 
_chem_comp_atom.type_symbol 
_chem_comp_atom.pdbx_aromatic_flag 
_chem_comp_atom.pdbx_stereo_config 
_chem_comp_atom.pdbx_ordinal 
DA  OP3    O  N N 1   
DA  P      P  N N 2   
DA  OP1    O  N N 3   
DA  OP2    O  N N 4   
DA  "O5'"  O  N N 5   
DA  "C5'"  C  N N 6   
DA  "C4'"  C  N R 7   
DA  "O4'"  O  N N 8   
DA  "C3'"  C  N S 9   
DA  "O3'"  O  N N 10  
DA  "C2'"  C  N N 11  
DA  "C1'"  C  N R 12  
DA  N9     N  Y N 13  
DA  C8     C  Y N 14  
DA  N7     N  Y N 15  
DA  C5     C  Y N 16  
DA  C6     C  Y N 17  
DA  N6     N  N N 18  
DA  N1     N  Y N 19  
DA  C2     C  Y N 20  
DA  N3     N  Y N 21  
DA  C4     C  Y N 22  
DA  HOP3   H  N N 23  
DA  HOP2   H  N N 24  
DA  "H5'"  H  N N 25  
DA  "H5''" H  N N 26  
DA  "H4'"  H  N N 27  
DA  "H3'"  H  N N 28  
DA  "HO3'" H  N N 29  
DA  "H2'"  H  N N 30  
DA  "H2''" H  N N 31  
DA  "H1'"  H  N N 32  
DA  H8     H  N N 33  
DA  H61    H  N N 34  
DA  H62    H  N N 35  
DA  H2     H  N N 36  
DC  OP3    O  N N 37  
DC  P      P  N N 38  
DC  OP1    O  N N 39  
DC  OP2    O  N N 40  
DC  "O5'"  O  N N 41  
DC  "C5'"  C  N N 42  
DC  "C4'"  C  N R 43  
DC  "O4'"  O  N N 44  
DC  "C3'"  C  N S 45  
DC  "O3'"  O  N N 46  
DC  "C2'"  C  N N 47  
DC  "C1'"  C  N R 48  
DC  N1     N  N N 49  
DC  C2     C  N N 50  
DC  O2     O  N N 51  
DC  N3     N  N N 52  
DC  C4     C  N N 53  
DC  N4     N  N N 54  
DC  C5     C  N N 55  
DC  C6     C  N N 56  
DC  HOP3   H  N N 57  
DC  HOP2   H  N N 58  
DC  "H5'"  H  N N 59  
DC  "H5''" H  N N 60  
DC  "H4'"  H  N N 61  
DC  "H3'"  H  N N 62  
DC  "HO3'" H  N N 63  
DC  "H2'"  H  N N 64  
DC  "H2''" H  N N 65  
DC  "H1'"  H  N N 66  
DC  H41    H  N N 67  
DC  H42    H  N N 68  
DC  H5     H  N N 69  
DC  H6     H  N N 70  
DG  OP3    O  N N 71  
DG  P      P  N N 72  
DG  OP1    O  N N 73  
DG  OP2    O  N N 74  
DG  "O5'"  O  N N 75  
DG  "C5'"  C  N N 76  
DG  "C4'"  C  N R 77  
DG  "O4'"  O  N N 78  
DG  "C3'"  C  N S 79  
DG  "O3'"  O  N N 80  
DG  "C2'"  C  N N 81  
DG  "C1'"  C  N R 82  
DG  N9     N  Y N 83  
DG  C8     C  Y N 84  
DG  N7     N  Y N 85  
DG  C5     C  Y N 86  
DG  C6     C  N N 87  
DG  O6     O  N N 88  
DG  N1     N  N N 89  
DG  C2     C  N N 90  
DG  N2     N  N N 91  
DG  N3     N  N N 92  
DG  C4     C  Y N 93  
DG  HOP3   H  N N 94  
DG  HOP2   H  N N 95  
DG  "H5'"  H  N N 96  
DG  "H5''" H  N N 97  
DG  "H4'"  H  N N 98  
DG  "H3'"  H  N N 99  
DG  "HO3'" H  N N 100 
DG  "H2'"  H  N N 101 
DG  "H2''" H  N N 102 
DG  "H1'"  H  N N 103 
DG  H8     H  N N 104 
DG  H1     H  N N 105 
DG  H21    H  N N 106 
DG  H22    H  N N 107 
DT  OP3    O  N N 108 
DT  P      P  N N 109 
DT  OP1    O  N N 110 
DT  OP2    O  N N 111 
DT  "O5'"  O  N N 112 
DT  "C5'"  C  N N 113 
DT  "C4'"  C  N R 114 
DT  "O4'"  O  N N 115 
DT  "C3'"  C  N S 116 
DT  "O3'"  O  N N 117 
DT  "C2'"  C  N N 118 
DT  "C1'"  C  N R 119 
DT  N1     N  N N 120 
DT  C2     C  N N 121 
DT  O2     O  N N 122 
DT  N3     N  N N 123 
DT  C4     C  N N 124 
DT  O4     O  N N 125 
DT  C5     C  N N 126 
DT  C7     C  N N 127 
DT  C6     C  N N 128 
DT  HOP3   H  N N 129 
DT  HOP2   H  N N 130 
DT  "H5'"  H  N N 131 
DT  "H5''" H  N N 132 
DT  "H4'"  H  N N 133 
DT  "H3'"  H  N N 134 
DT  "HO3'" H  N N 135 
DT  "H2'"  H  N N 136 
DT  "H2''" H  N N 137 
DT  "H1'"  H  N N 138 
DT  H3     H  N N 139 
DT  H71    H  N N 140 
DT  H72    H  N N 141 
DT  H73    H  N N 142 
DT  H6     H  N N 143 
NCO CO     CO N N 144 
NCO N1     N  N N 145 
NCO N2     N  N N 146 
NCO N3     N  N N 147 
NCO N4     N  N N 148 
NCO N5     N  N N 149 
NCO N6     N  N N 150 
NCO HN11   H  N N 151 
NCO HN12   H  N N 152 
NCO HN13   H  N N 153 
NCO HN21   H  N N 154 
NCO HN22   H  N N 155 
NCO HN23   H  N N 156 
NCO HN31   H  N N 157 
NCO HN32   H  N N 158 
NCO HN33   H  N N 159 
NCO HN41   H  N N 160 
NCO HN42   H  N N 161 
NCO HN43   H  N N 162 
NCO HN51   H  N N 163 
NCO HN52   H  N N 164 
NCO HN53   H  N N 165 
NCO HN61   H  N N 166 
NCO HN62   H  N N 167 
NCO HN63   H  N N 168 
PG4 O1     O  N N 169 
PG4 C1     C  N N 170 
PG4 C2     C  N N 171 
PG4 O2     O  N N 172 
PG4 C3     C  N N 173 
PG4 C4     C  N N 174 
PG4 O3     O  N N 175 
PG4 C5     C  N N 176 
PG4 C6     C  N N 177 
PG4 O4     O  N N 178 
PG4 C7     C  N N 179 
PG4 C8     C  N N 180 
PG4 O5     O  N N 181 
PG4 HO1    H  N N 182 
PG4 H11    H  N N 183 
PG4 H12    H  N N 184 
PG4 H21    H  N N 185 
PG4 H22    H  N N 186 
PG4 H31    H  N N 187 
PG4 H32    H  N N 188 
PG4 H41    H  N N 189 
PG4 H42    H  N N 190 
PG4 H51    H  N N 191 
PG4 H52    H  N N 192 
PG4 H61    H  N N 193 
PG4 H62    H  N N 194 
PG4 H71    H  N N 195 
PG4 H72    H  N N 196 
PG4 H81    H  N N 197 
PG4 H82    H  N N 198 
PG4 HO5    H  N N 199 
# 
loop_
_chem_comp_bond.comp_id 
_chem_comp_bond.atom_id_1 
_chem_comp_bond.atom_id_2 
_chem_comp_bond.value_order 
_chem_comp_bond.pdbx_aromatic_flag 
_chem_comp_bond.pdbx_stereo_config 
_chem_comp_bond.pdbx_ordinal 
DA  OP3   P      sing N N 1   
DA  OP3   HOP3   sing N N 2   
DA  P     OP1    doub N N 3   
DA  P     OP2    sing N N 4   
DA  P     "O5'"  sing N N 5   
DA  OP2   HOP2   sing N N 6   
DA  "O5'" "C5'"  sing N N 7   
DA  "C5'" "C4'"  sing N N 8   
DA  "C5'" "H5'"  sing N N 9   
DA  "C5'" "H5''" sing N N 10  
DA  "C4'" "O4'"  sing N N 11  
DA  "C4'" "C3'"  sing N N 12  
DA  "C4'" "H4'"  sing N N 13  
DA  "O4'" "C1'"  sing N N 14  
DA  "C3'" "O3'"  sing N N 15  
DA  "C3'" "C2'"  sing N N 16  
DA  "C3'" "H3'"  sing N N 17  
DA  "O3'" "HO3'" sing N N 18  
DA  "C2'" "C1'"  sing N N 19  
DA  "C2'" "H2'"  sing N N 20  
DA  "C2'" "H2''" sing N N 21  
DA  "C1'" N9     sing N N 22  
DA  "C1'" "H1'"  sing N N 23  
DA  N9    C8     sing Y N 24  
DA  N9    C4     sing Y N 25  
DA  C8    N7     doub Y N 26  
DA  C8    H8     sing N N 27  
DA  N7    C5     sing Y N 28  
DA  C5    C6     sing Y N 29  
DA  C5    C4     doub Y N 30  
DA  C6    N6     sing N N 31  
DA  C6    N1     doub Y N 32  
DA  N6    H61    sing N N 33  
DA  N6    H62    sing N N 34  
DA  N1    C2     sing Y N 35  
DA  C2    N3     doub Y N 36  
DA  C2    H2     sing N N 37  
DA  N3    C4     sing Y N 38  
DC  OP3   P      sing N N 39  
DC  OP3   HOP3   sing N N 40  
DC  P     OP1    doub N N 41  
DC  P     OP2    sing N N 42  
DC  P     "O5'"  sing N N 43  
DC  OP2   HOP2   sing N N 44  
DC  "O5'" "C5'"  sing N N 45  
DC  "C5'" "C4'"  sing N N 46  
DC  "C5'" "H5'"  sing N N 47  
DC  "C5'" "H5''" sing N N 48  
DC  "C4'" "O4'"  sing N N 49  
DC  "C4'" "C3'"  sing N N 50  
DC  "C4'" "H4'"  sing N N 51  
DC  "O4'" "C1'"  sing N N 52  
DC  "C3'" "O3'"  sing N N 53  
DC  "C3'" "C2'"  sing N N 54  
DC  "C3'" "H3'"  sing N N 55  
DC  "O3'" "HO3'" sing N N 56  
DC  "C2'" "C1'"  sing N N 57  
DC  "C2'" "H2'"  sing N N 58  
DC  "C2'" "H2''" sing N N 59  
DC  "C1'" N1     sing N N 60  
DC  "C1'" "H1'"  sing N N 61  
DC  N1    C2     sing N N 62  
DC  N1    C6     sing N N 63  
DC  C2    O2     doub N N 64  
DC  C2    N3     sing N N 65  
DC  N3    C4     doub N N 66  
DC  C4    N4     sing N N 67  
DC  C4    C5     sing N N 68  
DC  N4    H41    sing N N 69  
DC  N4    H42    sing N N 70  
DC  C5    C6     doub N N 71  
DC  C5    H5     sing N N 72  
DC  C6    H6     sing N N 73  
DG  OP3   P      sing N N 74  
DG  OP3   HOP3   sing N N 75  
DG  P     OP1    doub N N 76  
DG  P     OP2    sing N N 77  
DG  P     "O5'"  sing N N 78  
DG  OP2   HOP2   sing N N 79  
DG  "O5'" "C5'"  sing N N 80  
DG  "C5'" "C4'"  sing N N 81  
DG  "C5'" "H5'"  sing N N 82  
DG  "C5'" "H5''" sing N N 83  
DG  "C4'" "O4'"  sing N N 84  
DG  "C4'" "C3'"  sing N N 85  
DG  "C4'" "H4'"  sing N N 86  
DG  "O4'" "C1'"  sing N N 87  
DG  "C3'" "O3'"  sing N N 88  
DG  "C3'" "C2'"  sing N N 89  
DG  "C3'" "H3'"  sing N N 90  
DG  "O3'" "HO3'" sing N N 91  
DG  "C2'" "C1'"  sing N N 92  
DG  "C2'" "H2'"  sing N N 93  
DG  "C2'" "H2''" sing N N 94  
DG  "C1'" N9     sing N N 95  
DG  "C1'" "H1'"  sing N N 96  
DG  N9    C8     sing Y N 97  
DG  N9    C4     sing Y N 98  
DG  C8    N7     doub Y N 99  
DG  C8    H8     sing N N 100 
DG  N7    C5     sing Y N 101 
DG  C5    C6     sing N N 102 
DG  C5    C4     doub Y N 103 
DG  C6    O6     doub N N 104 
DG  C6    N1     sing N N 105 
DG  N1    C2     sing N N 106 
DG  N1    H1     sing N N 107 
DG  C2    N2     sing N N 108 
DG  C2    N3     doub N N 109 
DG  N2    H21    sing N N 110 
DG  N2    H22    sing N N 111 
DG  N3    C4     sing N N 112 
DT  OP3   P      sing N N 113 
DT  OP3   HOP3   sing N N 114 
DT  P     OP1    doub N N 115 
DT  P     OP2    sing N N 116 
DT  P     "O5'"  sing N N 117 
DT  OP2   HOP2   sing N N 118 
DT  "O5'" "C5'"  sing N N 119 
DT  "C5'" "C4'"  sing N N 120 
DT  "C5'" "H5'"  sing N N 121 
DT  "C5'" "H5''" sing N N 122 
DT  "C4'" "O4'"  sing N N 123 
DT  "C4'" "C3'"  sing N N 124 
DT  "C4'" "H4'"  sing N N 125 
DT  "O4'" "C1'"  sing N N 126 
DT  "C3'" "O3'"  sing N N 127 
DT  "C3'" "C2'"  sing N N 128 
DT  "C3'" "H3'"  sing N N 129 
DT  "O3'" "HO3'" sing N N 130 
DT  "C2'" "C1'"  sing N N 131 
DT  "C2'" "H2'"  sing N N 132 
DT  "C2'" "H2''" sing N N 133 
DT  "C1'" N1     sing N N 134 
DT  "C1'" "H1'"  sing N N 135 
DT  N1    C2     sing N N 136 
DT  N1    C6     sing N N 137 
DT  C2    O2     doub N N 138 
DT  C2    N3     sing N N 139 
DT  N3    C4     sing N N 140 
DT  N3    H3     sing N N 141 
DT  C4    O4     doub N N 142 
DT  C4    C5     sing N N 143 
DT  C5    C7     sing N N 144 
DT  C5    C6     doub N N 145 
DT  C7    H71    sing N N 146 
DT  C7    H72    sing N N 147 
DT  C7    H73    sing N N 148 
DT  C6    H6     sing N N 149 
NCO CO    N1     sing N N 150 
NCO CO    N2     sing N N 151 
NCO CO    N3     sing N N 152 
NCO CO    N4     sing N N 153 
NCO CO    N5     sing N N 154 
NCO CO    N6     sing N N 155 
NCO N1    HN11   sing N N 156 
NCO N1    HN12   sing N N 157 
NCO N1    HN13   sing N N 158 
NCO N2    HN21   sing N N 159 
NCO N2    HN22   sing N N 160 
NCO N2    HN23   sing N N 161 
NCO N3    HN31   sing N N 162 
NCO N3    HN32   sing N N 163 
NCO N3    HN33   sing N N 164 
NCO N4    HN41   sing N N 165 
NCO N4    HN42   sing N N 166 
NCO N4    HN43   sing N N 167 
NCO N5    HN51   sing N N 168 
NCO N5    HN52   sing N N 169 
NCO N5    HN53   sing N N 170 
NCO N6    HN61   sing N N 171 
NCO N6    HN62   sing N N 172 
NCO N6    HN63   sing N N 173 
PG4 O1    C1     sing N N 174 
PG4 O1    HO1    sing N N 175 
PG4 C1    C2     sing N N 176 
PG4 C1    H11    sing N N 177 
PG4 C1    H12    sing N N 178 
PG4 C2    O2     sing N N 179 
PG4 C2    H21    sing N N 180 
PG4 C2    H22    sing N N 181 
PG4 O2    C3     sing N N 182 
PG4 C3    C4     sing N N 183 
PG4 C3    H31    sing N N 184 
PG4 C3    H32    sing N N 185 
PG4 C4    O3     sing N N 186 
PG4 C4    H41    sing N N 187 
PG4 C4    H42    sing N N 188 
PG4 O3    C5     sing N N 189 
PG4 C5    C6     sing N N 190 
PG4 C5    H51    sing N N 191 
PG4 C5    H52    sing N N 192 
PG4 C6    O4     sing N N 193 
PG4 C6    H61    sing N N 194 
PG4 C6    H62    sing N N 195 
PG4 O4    C7     sing N N 196 
PG4 C7    C8     sing N N 197 
PG4 C7    H71    sing N N 198 
PG4 C7    H72    sing N N 199 
PG4 C8    O5     sing N N 200 
PG4 C8    H81    sing N N 201 
PG4 C8    H82    sing N N 202 
PG4 O5    HO5    sing N N 203 
# 
_ndb_struct_conf_na.entry_id   1ZJG 
_ndb_struct_conf_na.feature    'a-form double helix' 
# 
loop_
_ndb_struct_na_base_pair.model_number 
_ndb_struct_na_base_pair.i_label_asym_id 
_ndb_struct_na_base_pair.i_label_comp_id 
_ndb_struct_na_base_pair.i_label_seq_id 
_ndb_struct_na_base_pair.i_symmetry 
_ndb_struct_na_base_pair.j_label_asym_id 
_ndb_struct_na_base_pair.j_label_comp_id 
_ndb_struct_na_base_pair.j_label_seq_id 
_ndb_struct_na_base_pair.j_symmetry 
_ndb_struct_na_base_pair.shear 
_ndb_struct_na_base_pair.stretch 
_ndb_struct_na_base_pair.stagger 
_ndb_struct_na_base_pair.buckle 
_ndb_struct_na_base_pair.propeller 
_ndb_struct_na_base_pair.opening 
_ndb_struct_na_base_pair.pair_number 
_ndb_struct_na_base_pair.pair_name 
_ndb_struct_na_base_pair.i_auth_asym_id 
_ndb_struct_na_base_pair.i_auth_seq_id 
_ndb_struct_na_base_pair.i_PDB_ins_code 
_ndb_struct_na_base_pair.j_auth_asym_id 
_ndb_struct_na_base_pair.j_auth_seq_id 
_ndb_struct_na_base_pair.j_PDB_ins_code 
_ndb_struct_na_base_pair.hbond_type_28 
_ndb_struct_na_base_pair.hbond_type_12 
1 A DT 2  1_555 B DA 13 1_555 -0.615 -0.183 -0.186 -0.930  -2.320  -8.119 1  A_DT2:DA26_B  A 2  ? B 26 ? 20 1 
1 A DG 3  1_555 B DC 12 1_555 -0.051 -0.199 0.167  1.338   -4.779  -0.183 2  A_DG3:DC25_B  A 3  ? B 25 ? 19 1 
1 A DG 4  1_555 B DC 11 1_555 -1.168 -0.408 0.066  -0.369  -6.424  4.432  3  A_DG4:DC24_B  A 4  ? B 24 ? 19 1 
1 A DG 5  1_555 B DC 10 1_555 0.066  -0.349 -0.085 -6.178  -6.814  1.300  4  A_DG5:DC23_B  A 5  ? B 23 ? 19 1 
1 A DG 6  1_555 B DC 9  1_555 -0.822 -0.391 0.012  -5.582  -2.186  2.524  5  A_DG6:DC22_B  A 6  ? B 22 ? 19 1 
1 A DC 7  1_555 B DG 8  1_555 0.318  -0.477 0.199  -7.524  -8.893  -0.997 6  A_DC7:DG21_B  A 7  ? B 21 ? 19 1 
1 A DG 8  1_555 B DC 7  1_555 -0.783 -0.277 -0.407 0.060   -9.085  6.007  7  A_DG8:DC20_B  A 8  ? B 20 ? 19 1 
1 A DG 9  1_555 B DC 6  1_555 -1.095 -0.919 -0.274 -3.154  -7.703  -2.079 8  A_DG9:DC19_B  A 9  ? B 19 ? 19 1 
1 A DG 10 1_555 B DC 5  1_555 -0.722 -0.626 -0.051 -5.358  -12.476 -3.650 9  A_DG10:DC18_B A 10 ? B 18 ? 19 1 
1 A DG 11 1_555 B DC 4  1_555 0.120  -0.484 -0.010 -10.341 -8.226  -0.535 10 A_DG11:DC17_B A 11 ? B 17 ? 19 1 
1 A DC 12 1_555 B DG 3  1_555 -0.755 -0.132 -0.008 -6.879  0.792   4.370  11 A_DC12:DG16_B A 12 ? B 16 ? 19 1 
1 A DT 13 1_555 B DA 2  1_555 -0.895 -0.260 0.138  6.551   3.568   10.037 12 A_DT13:DA15_B A 13 ? B 15 ? 20 1 
# 
loop_
_ndb_struct_na_base_pair_step.model_number 
_ndb_struct_na_base_pair_step.i_label_asym_id_1 
_ndb_struct_na_base_pair_step.i_label_comp_id_1 
_ndb_struct_na_base_pair_step.i_label_seq_id_1 
_ndb_struct_na_base_pair_step.i_symmetry_1 
_ndb_struct_na_base_pair_step.j_label_asym_id_1 
_ndb_struct_na_base_pair_step.j_label_comp_id_1 
_ndb_struct_na_base_pair_step.j_label_seq_id_1 
_ndb_struct_na_base_pair_step.j_symmetry_1 
_ndb_struct_na_base_pair_step.i_label_asym_id_2 
_ndb_struct_na_base_pair_step.i_label_comp_id_2 
_ndb_struct_na_base_pair_step.i_label_seq_id_2 
_ndb_struct_na_base_pair_step.i_symmetry_2 
_ndb_struct_na_base_pair_step.j_label_asym_id_2 
_ndb_struct_na_base_pair_step.j_label_comp_id_2 
_ndb_struct_na_base_pair_step.j_label_seq_id_2 
_ndb_struct_na_base_pair_step.j_symmetry_2 
_ndb_struct_na_base_pair_step.shift 
_ndb_struct_na_base_pair_step.slide 
_ndb_struct_na_base_pair_step.rise 
_ndb_struct_na_base_pair_step.tilt 
_ndb_struct_na_base_pair_step.roll 
_ndb_struct_na_base_pair_step.twist 
_ndb_struct_na_base_pair_step.x_displacement 
_ndb_struct_na_base_pair_step.y_displacement 
_ndb_struct_na_base_pair_step.helical_rise 
_ndb_struct_na_base_pair_step.inclination 
_ndb_struct_na_base_pair_step.tip 
_ndb_struct_na_base_pair_step.helical_twist 
_ndb_struct_na_base_pair_step.step_number 
_ndb_struct_na_base_pair_step.step_name 
_ndb_struct_na_base_pair_step.i_auth_asym_id_1 
_ndb_struct_na_base_pair_step.i_auth_seq_id_1 
_ndb_struct_na_base_pair_step.i_PDB_ins_code_1 
_ndb_struct_na_base_pair_step.j_auth_asym_id_1 
_ndb_struct_na_base_pair_step.j_auth_seq_id_1 
_ndb_struct_na_base_pair_step.j_PDB_ins_code_1 
_ndb_struct_na_base_pair_step.i_auth_asym_id_2 
_ndb_struct_na_base_pair_step.i_auth_seq_id_2 
_ndb_struct_na_base_pair_step.i_PDB_ins_code_2 
_ndb_struct_na_base_pair_step.j_auth_asym_id_2 
_ndb_struct_na_base_pair_step.j_auth_seq_id_2 
_ndb_struct_na_base_pair_step.j_PDB_ins_code_2 
1 A DT 2  1_555 B DA 13 1_555 A DG 3  1_555 B DC 12 1_555 0.345  -1.393 3.164 -4.369 10.461 39.604 -3.015 -0.922 2.676 15.069 
6.294  41.132 1  AA_DT2DG3:DC25DA26_BB   A 2  ? B 26 ? A 3  ? B 25 ? 
1 A DG 3  1_555 B DC 12 1_555 A DG 4  1_555 B DC 11 1_555 0.377  -1.668 3.282 0.389  3.463  25.513 -4.686 -0.740 3.038 7.795  
-0.876 25.746 2  AA_DG3DG4:DC24DC25_BB   A 3  ? B 25 ? A 4  ? B 24 ? 
1 A DG 4  1_555 B DC 11 1_555 A DG 5  1_555 B DC 10 1_555 0.636  -1.894 3.294 1.609  9.549  37.158 -4.007 -0.779 2.766 14.681 
-2.474 38.356 3  AA_DG4DG5:DC23DC24_BB   A 4  ? B 24 ? A 5  ? B 23 ? 
1 A DG 5  1_555 B DC 10 1_555 A DG 6  1_555 B DC 9  1_555 -0.341 -1.999 2.953 -2.065 11.404 26.645 -5.965 0.323  1.969 23.389 
4.235  29.014 4  AA_DG5DG6:DC22DC23_BB   A 5  ? B 23 ? A 6  ? B 22 ? 
1 A DG 6  1_555 B DC 9  1_555 A DC 7  1_555 B DG 8  1_555 -0.434 -1.002 3.156 -0.795 8.504  34.704 -2.781 0.600  2.848 13.996 
1.309  35.708 5  AA_DG6DC7:DG21DC22_BB   A 6  ? B 22 ? A 7  ? B 21 ? 
1 A DC 7  1_555 B DG 8  1_555 A DG 8  1_555 B DC 7  1_555 0.262  -1.646 3.021 1.530  15.937 28.893 -5.083 -0.253 1.890 29.276 
-2.810 32.950 6  AA_DC7DG8:DC20DG21_BB   A 7  ? B 21 ? A 8  ? B 20 ? 
1 A DG 8  1_555 B DC 7  1_555 A DG 9  1_555 B DC 6  1_555 -0.222 -1.468 3.452 -3.336 3.099  23.715 -4.530 -0.567 3.236 7.452  
8.022  24.142 7  AA_DG8DG9:DC19DC20_BB   A 8  ? B 20 ? A 9  ? B 19 ? 
1 A DG 9  1_555 B DC 6  1_555 A DG 10 1_555 B DC 5  1_555 0.578  -1.302 3.308 -0.066 7.860  36.263 -3.069 -0.918 2.970 12.449 
0.105  37.077 8  AA_DG9DG10:DC18DC19_BB  A 9  ? B 19 ? A 10 ? B 18 ? 
1 A DG 10 1_555 B DC 5  1_555 A DG 11 1_555 B DC 4  1_555 0.661  -1.853 3.380 3.610  9.766  34.862 -4.294 -0.570 2.828 15.868 
-5.865 36.337 9  AA_DG10DG11:DC17DC18_BB A 10 ? B 18 ? A 11 ? B 17 ? 
1 A DG 11 1_555 B DC 4  1_555 A DC 12 1_555 B DG 3  1_555 0.287  -1.609 3.086 -1.021 6.700  27.666 -4.628 -0.790 2.619 13.751 
2.095  28.469 10 AA_DG11DC12:DG16DC17_BB A 11 ? B 17 ? A 12 ? B 16 ? 
1 A DC 12 1_555 B DG 3  1_555 A DT 13 1_555 B DA 2  1_555 0.284  -1.275 3.049 0.749  0.499  27.653 -2.779 -0.425 3.032 1.043  
-1.566 27.668 11 AA_DC12DT13:DA15DG16_BB A 12 ? B 16 ? A 13 ? B 15 ? 
# 
loop_
_pdbx_entity_nonpoly.entity_id 
_pdbx_entity_nonpoly.name 
_pdbx_entity_nonpoly.comp_id 
3 'COBALT HEXAMMINE(III)' NCO 
4 'TETRAETHYLENE GLYCOL'  PG4 
# 
